data_5SNZ
#
_entry.id   5SNZ
#
_cell.length_a   137.953
_cell.length_b   65.495
_cell.length_c   84.411
_cell.angle_alpha   90.000
_cell.angle_beta   93.350
_cell.angle_gamma   90.000
#
_symmetry.space_group_name_H-M   'C 1 2 1'
#
loop_
_entity.id
_entity.type
_entity.pdbx_description
1 polymer '3-oxoacyl-[acyl-carrier-protein] synthase 2'
2 non-polymer 'DIMETHYL SULFOXIDE'
3 non-polymer 'methyl 1-(tert-butylcarbamoyl)piperidine-4-carboxylate'
4 non-polymer 'PHOSPHATE ION'
5 water water
#
_entity_poly.entity_id   1
_entity_poly.type   'polypeptide(L)'
_entity_poly.pdbx_seq_one_letter_code
;MSRRRVVITGMGMLSPLGLDVPSSWEGILAGRSGIAPIEHMDLSAYSTRFGGSVKGFNVEEYLSAKEARKLDLFIQYGLA
ASFQAVRDSGLEVTDANRERIGVSMGSGIGGLTNIENNCRSLFEQGPRRISPFFVPGSIINMVSGFLSIHLGLQGPNYAL
TTAQTTGTHSIGMAARNIAYGEADVMVAGGSEMAACGLGLGGFGAARALSTRNDEPTRASRPWDRDRDGFVLSDGSGALV
LEELEHARARGARIYAELVGFGMSGDAFHMTAPPEDGAGAARCMKNALRDAGLDPRQVDYINAHGTSTPAGDIAEIAAVK
SVFGEHAHALSMSSTKSMTGHLLGAAGAVEAIFSVLALRDQVAPPTINLDNPDEGCDLDLVAHEAKPRKIDVALSNSFGF
GGTNGTLVFRRFAD
;
_entity_poly.pdbx_strand_id   A,B
#
loop_
_chem_comp.id
_chem_comp.type
_chem_comp.name
_chem_comp.formula
DMS non-polymer 'DIMETHYL SULFOXIDE' 'C2 H6 O S'
K0V non-polymer 'methyl 1-(tert-butylcarbamoyl)piperidine-4-carboxylate' 'C12 H22 N2 O3'
PO4 non-polymer 'PHOSPHATE ION' 'O4 P -3'
#
# COMPACT_ATOMS: atom_id res chain seq x y z
N SER A 2 -17.41 18.48 7.83
CA SER A 2 -18.25 17.27 8.20
C SER A 2 -18.47 16.39 6.97
N ARG A 3 -18.83 15.12 7.20
CA ARG A 3 -18.67 14.02 6.21
C ARG A 3 -19.49 14.28 4.93
N ARG A 4 -18.84 14.32 3.78
CA ARG A 4 -19.51 14.53 2.48
C ARG A 4 -19.89 13.18 1.85
N ARG A 5 -20.85 13.23 0.94
CA ARG A 5 -21.33 12.04 0.20
C ARG A 5 -20.43 11.80 -1.02
N VAL A 6 -20.32 10.53 -1.44
CA VAL A 6 -19.39 10.08 -2.51
C VAL A 6 -20.15 9.23 -3.53
N VAL A 7 -19.98 9.57 -4.81
CA VAL A 7 -20.67 8.86 -5.93
C VAL A 7 -19.64 8.36 -6.94
N ILE A 8 -20.06 7.42 -7.77
CA ILE A 8 -19.23 6.81 -8.84
C ILE A 8 -19.66 7.45 -10.17
N THR A 9 -18.72 8.09 -10.86
CA THR A 9 -18.99 8.87 -12.09
C THR A 9 -18.20 8.28 -13.26
N GLY A 10 -17.34 7.27 -13.04
CA GLY A 10 -16.54 6.68 -14.13
C GLY A 10 -15.99 5.34 -13.71
N MET A 11 -15.92 4.38 -14.64
CA MET A 11 -15.35 3.04 -14.36
C MET A 11 -14.52 2.58 -15.55
N GLY A 12 -13.52 1.75 -15.26
CA GLY A 12 -12.55 1.26 -16.24
C GLY A 12 -12.11 -0.12 -15.84
N MET A 13 -11.76 -0.96 -16.81
CA MET A 13 -11.47 -2.38 -16.53
C MET A 13 -10.69 -3.05 -17.68
N LEU A 14 -9.72 -3.88 -17.29
CA LEU A 14 -9.22 -5.05 -18.05
C LEU A 14 -9.52 -6.29 -17.22
N SER A 15 -10.16 -7.29 -17.84
CA SER A 15 -10.44 -8.58 -17.17
C SER A 15 -10.20 -9.72 -18.14
N PRO A 16 -10.24 -10.97 -17.65
CA PRO A 16 -10.21 -12.13 -18.54
C PRO A 16 -11.44 -12.20 -19.47
N LEU A 17 -12.48 -11.37 -19.24
CA LEU A 17 -13.70 -11.40 -20.07
C LEU A 17 -13.72 -10.27 -21.10
N GLY A 18 -12.85 -9.27 -21.01
CA GLY A 18 -12.84 -8.14 -21.96
C GLY A 18 -11.81 -7.06 -21.69
N LEU A 19 -11.61 -6.16 -22.66
CA LEU A 19 -10.60 -5.08 -22.58
C LEU A 19 -11.26 -3.78 -22.12
N ASP A 20 -12.52 -3.84 -21.68
CA ASP A 20 -13.20 -2.68 -21.02
C ASP A 20 -14.35 -3.20 -20.12
N VAL A 21 -15.15 -2.27 -19.60
CA VAL A 21 -16.28 -2.59 -18.67
C VAL A 21 -17.41 -3.27 -19.45
N PRO A 22 -17.99 -2.64 -20.52
CA PRO A 22 -19.15 -3.20 -21.20
C PRO A 22 -18.94 -4.63 -21.71
N SER A 23 -17.79 -4.89 -22.35
CA SER A 23 -17.45 -6.24 -22.91
C SER A 23 -17.29 -7.24 -21.74
N SER A 24 -16.64 -6.83 -20.66
CA SER A 24 -16.51 -7.67 -19.43
C SER A 24 -17.91 -7.99 -18.88
N TRP A 25 -18.78 -6.99 -18.72
CA TRP A 25 -20.14 -7.11 -18.13
C TRP A 25 -21.05 -8.03 -18.97
N GLU A 26 -20.96 -7.92 -20.30
N GLU A 26 -20.97 -7.94 -20.31
CA GLU A 26 -21.64 -8.81 -21.29
CA GLU A 26 -21.70 -8.84 -21.23
C GLU A 26 -21.27 -10.26 -20.97
C GLU A 26 -21.28 -10.29 -20.94
N GLY A 27 -19.98 -10.54 -20.79
CA GLY A 27 -19.47 -11.87 -20.42
C GLY A 27 -20.04 -12.34 -19.08
N ILE A 28 -20.07 -11.45 -18.10
CA ILE A 28 -20.58 -11.74 -16.72
C ILE A 28 -22.06 -12.15 -16.83
N LEU A 29 -22.86 -11.38 -17.56
CA LEU A 29 -24.31 -11.64 -17.59
C LEU A 29 -24.61 -12.91 -18.41
N ALA A 30 -23.72 -13.30 -19.33
CA ALA A 30 -23.94 -14.51 -20.17
C ALA A 30 -23.27 -15.74 -19.55
N GLY A 31 -22.62 -15.61 -18.40
CA GLY A 31 -22.08 -16.78 -17.69
C GLY A 31 -20.86 -17.32 -18.40
N ARG A 32 -20.13 -16.46 -19.12
CA ARG A 32 -18.93 -16.87 -19.89
C ARG A 32 -17.73 -16.95 -18.93
N SER A 33 -16.91 -18.01 -19.02
CA SER A 33 -15.59 -18.17 -18.35
C SER A 33 -14.49 -17.47 -19.16
N GLY A 34 -13.58 -16.77 -18.45
CA GLY A 34 -12.38 -16.15 -19.05
C GLY A 34 -11.17 -17.01 -18.77
N ILE A 35 -11.36 -18.26 -18.35
CA ILE A 35 -10.24 -19.10 -17.85
C ILE A 35 -9.80 -20.07 -18.95
N ALA A 36 -8.50 -20.19 -19.17
CA ALA A 36 -7.93 -20.99 -20.29
C ALA A 36 -6.49 -21.35 -19.98
N PRO A 37 -5.94 -22.42 -20.58
CA PRO A 37 -4.54 -22.74 -20.41
C PRO A 37 -3.78 -21.44 -20.71
N ILE A 38 -2.71 -21.18 -19.96
CA ILE A 38 -1.84 -19.99 -20.14
C ILE A 38 -0.93 -20.22 -21.36
N GLU A 39 -0.83 -19.23 -22.24
CA GLU A 39 -0.04 -19.30 -23.49
C GLU A 39 1.28 -18.52 -23.40
N HIS A 40 1.46 -17.60 -22.46
CA HIS A 40 2.61 -16.64 -22.48
C HIS A 40 3.88 -17.25 -21.87
N MET A 41 3.82 -18.49 -21.35
CA MET A 41 5.01 -19.19 -20.79
C MET A 41 4.74 -20.70 -20.70
N ASP A 42 5.79 -21.50 -20.61
CA ASP A 42 5.75 -22.99 -20.55
C ASP A 42 5.51 -23.44 -19.11
N LEU A 43 4.33 -24.00 -18.82
CA LEU A 43 3.94 -24.38 -17.44
C LEU A 43 4.00 -25.92 -17.25
N SER A 44 4.70 -26.66 -18.12
CA SER A 44 4.64 -28.15 -18.04
C SER A 44 5.20 -28.62 -16.69
N ALA A 45 6.13 -27.90 -16.05
CA ALA A 45 6.71 -28.29 -14.73
C ALA A 45 5.78 -27.88 -13.56
N TYR A 46 4.71 -27.12 -13.82
CA TYR A 46 3.81 -26.55 -12.77
C TYR A 46 2.60 -27.49 -12.57
N SER A 47 2.00 -27.49 -11.37
CA SER A 47 0.79 -28.29 -11.07
C SER A 47 -0.48 -27.55 -11.53
N THR A 48 -0.38 -26.25 -11.87
CA THR A 48 -1.50 -25.44 -12.44
C THR A 48 -0.99 -24.75 -13.71
N ARG A 49 -1.70 -24.91 -14.82
CA ARG A 49 -1.21 -24.51 -16.16
C ARG A 49 -2.22 -23.58 -16.85
N PHE A 50 -3.23 -23.11 -16.13
CA PHE A 50 -4.30 -22.24 -16.65
C PHE A 50 -4.51 -21.05 -15.69
N GLY A 51 -5.30 -20.08 -16.13
CA GLY A 51 -5.69 -18.88 -15.38
C GLY A 51 -6.52 -17.93 -16.24
N GLY A 52 -6.90 -16.77 -15.69
CA GLY A 52 -7.61 -15.72 -16.43
C GLY A 52 -6.63 -14.68 -16.92
N SER A 53 -6.15 -14.87 -18.15
CA SER A 53 -5.25 -13.92 -18.87
C SER A 53 -6.12 -12.80 -19.43
N VAL A 54 -5.61 -11.58 -19.54
CA VAL A 54 -6.18 -10.51 -20.39
C VAL A 54 -5.82 -10.89 -21.82
N LYS A 55 -6.79 -11.05 -22.74
CA LYS A 55 -6.53 -11.51 -24.12
C LYS A 55 -6.50 -10.30 -25.04
N GLY A 56 -5.42 -10.13 -25.82
CA GLY A 56 -5.34 -9.14 -26.89
C GLY A 56 -5.22 -7.70 -26.38
N PHE A 57 -4.65 -7.49 -25.20
CA PHE A 57 -4.45 -6.14 -24.63
C PHE A 57 -3.52 -5.38 -25.57
N ASN A 58 -3.95 -4.19 -25.98
CA ASN A 58 -3.11 -3.31 -26.83
C ASN A 58 -2.66 -2.10 -26.01
N VAL A 59 -1.46 -2.12 -25.47
CA VAL A 59 -0.97 -1.00 -24.62
C VAL A 59 -0.87 0.30 -25.43
N GLU A 60 -0.73 0.23 -26.75
CA GLU A 60 -0.64 1.40 -27.66
C GLU A 60 -2.01 1.99 -28.00
N GLU A 61 -3.07 1.54 -27.34
CA GLU A 61 -4.33 2.31 -27.21
C GLU A 61 -4.18 3.36 -26.10
N TYR A 62 -3.13 3.32 -25.29
CA TYR A 62 -3.04 4.17 -24.06
C TYR A 62 -1.71 4.89 -23.99
N LEU A 63 -0.63 4.23 -24.38
CA LEU A 63 0.75 4.66 -24.07
C LEU A 63 1.62 4.43 -25.31
N SER A 64 2.67 5.22 -25.48
CA SER A 64 3.70 5.02 -26.52
C SER A 64 4.46 3.70 -26.23
N ALA A 65 4.83 2.94 -27.25
CA ALA A 65 5.58 1.68 -27.06
C ALA A 65 6.85 2.00 -26.26
N LYS A 66 7.41 3.20 -26.42
CA LYS A 66 8.67 3.62 -25.73
C LYS A 66 8.48 3.66 -24.20
N GLU A 67 7.32 4.12 -23.73
N GLU A 67 7.32 4.13 -23.75
CA GLU A 67 6.97 4.16 -22.28
CA GLU A 67 6.95 4.15 -22.31
C GLU A 67 6.58 2.75 -21.81
C GLU A 67 6.63 2.72 -21.84
N ALA A 68 5.72 2.05 -22.57
CA ALA A 68 5.20 0.72 -22.19
C ALA A 68 6.33 -0.25 -21.88
N ARG A 69 7.40 -0.22 -22.69
N ARG A 69 7.41 -0.22 -22.67
CA ARG A 69 8.56 -1.13 -22.57
CA ARG A 69 8.54 -1.17 -22.56
C ARG A 69 9.17 -1.04 -21.16
C ARG A 69 9.24 -1.01 -21.20
N LYS A 70 9.07 0.13 -20.51
CA LYS A 70 9.70 0.36 -19.17
C LYS A 70 8.81 -0.15 -18.02
N LEU A 71 7.58 -0.57 -18.28
CA LEU A 71 6.54 -0.77 -17.22
C LEU A 71 6.11 -2.24 -17.17
N ASP A 72 6.09 -2.82 -15.96
CA ASP A 72 5.46 -4.14 -15.74
C ASP A 72 4.02 -4.15 -16.26
N LEU A 73 3.54 -5.32 -16.69
CA LEU A 73 2.14 -5.43 -17.13
C LEU A 73 1.16 -4.90 -16.06
N PHE A 74 1.41 -5.14 -14.76
CA PHE A 74 0.44 -4.67 -13.73
C PHE A 74 0.29 -3.13 -13.82
N ILE A 75 1.38 -2.41 -14.11
CA ILE A 75 1.26 -0.93 -14.26
C ILE A 75 0.52 -0.62 -15.54
N GLN A 76 0.84 -1.29 -16.66
CA GLN A 76 0.14 -1.06 -17.94
C GLN A 76 -1.36 -1.29 -17.73
N TYR A 77 -1.73 -2.35 -17.01
CA TYR A 77 -3.17 -2.73 -16.84
C TYR A 77 -3.87 -1.65 -15.97
N GLY A 78 -3.22 -1.23 -14.89
CA GLY A 78 -3.71 -0.19 -13.97
C GLY A 78 -3.92 1.16 -14.65
N LEU A 79 -2.98 1.60 -15.48
CA LEU A 79 -3.10 2.82 -16.32
C LEU A 79 -4.27 2.70 -17.30
N ALA A 80 -4.41 1.56 -17.99
CA ALA A 80 -5.47 1.35 -18.99
C ALA A 80 -6.82 1.51 -18.29
N ALA A 81 -7.02 0.84 -17.16
CA ALA A 81 -8.29 0.91 -16.40
C ALA A 81 -8.51 2.35 -15.90
N SER A 82 -7.46 3.00 -15.38
CA SER A 82 -7.53 4.40 -14.89
C SER A 82 -7.92 5.34 -16.05
N PHE A 83 -7.23 5.24 -17.17
CA PHE A 83 -7.56 6.06 -18.36
C PHE A 83 -9.02 5.86 -18.75
N GLN A 84 -9.49 4.62 -18.84
CA GLN A 84 -10.90 4.34 -19.19
C GLN A 84 -11.82 5.05 -18.19
N ALA A 85 -11.53 4.95 -16.90
CA ALA A 85 -12.40 5.46 -15.82
C ALA A 85 -12.50 6.98 -15.94
N VAL A 86 -11.37 7.65 -16.15
CA VAL A 86 -11.31 9.12 -16.22
C VAL A 86 -12.08 9.60 -17.45
N ARG A 87 -11.87 8.96 -18.60
N ARG A 87 -11.87 8.97 -18.61
CA ARG A 87 -12.60 9.28 -19.86
CA ARG A 87 -12.61 9.32 -19.85
C ARG A 87 -14.10 9.09 -19.62
C ARG A 87 -14.12 9.10 -19.62
N ASP A 88 -14.48 7.96 -19.02
CA ASP A 88 -15.89 7.60 -18.73
C ASP A 88 -16.56 8.63 -17.80
N SER A 89 -15.79 9.31 -16.96
CA SER A 89 -16.33 10.29 -15.99
C SER A 89 -16.71 11.60 -16.68
N GLY A 90 -16.08 11.96 -17.81
CA GLY A 90 -16.25 13.27 -18.47
C GLY A 90 -15.53 14.41 -17.73
N LEU A 91 -14.77 14.10 -16.68
CA LEU A 91 -14.08 15.13 -15.88
C LEU A 91 -12.94 15.72 -16.71
N GLU A 92 -12.83 17.05 -16.72
CA GLU A 92 -11.68 17.79 -17.30
C GLU A 92 -10.82 18.30 -16.14
N VAL A 93 -9.54 17.96 -16.18
CA VAL A 93 -8.50 18.39 -15.21
C VAL A 93 -8.03 19.78 -15.61
N THR A 94 -8.07 20.73 -14.68
CA THR A 94 -7.67 22.15 -14.88
C THR A 94 -6.77 22.62 -13.75
N ASP A 95 -6.16 23.78 -13.92
CA ASP A 95 -5.45 24.46 -12.80
C ASP A 95 -6.41 24.64 -11.62
N ALA A 96 -7.72 24.86 -11.83
CA ALA A 96 -8.67 25.14 -10.73
C ALA A 96 -8.91 23.88 -9.88
N ASN A 97 -8.75 22.66 -10.43
CA ASN A 97 -9.13 21.40 -9.70
C ASN A 97 -8.02 20.36 -9.62
N ARG A 98 -6.85 20.56 -10.24
CA ARG A 98 -5.86 19.45 -10.29
C ARG A 98 -5.35 19.13 -8.87
N GLU A 99 -5.36 20.09 -7.95
CA GLU A 99 -4.85 19.85 -6.56
C GLU A 99 -5.89 19.01 -5.77
N ARG A 100 -7.12 18.95 -6.24
CA ARG A 100 -8.25 18.27 -5.53
C ARG A 100 -8.53 16.88 -6.13
N ILE A 101 -7.68 16.38 -7.03
CA ILE A 101 -7.88 15.05 -7.70
C ILE A 101 -6.64 14.22 -7.44
N GLY A 102 -6.81 13.11 -6.76
CA GLY A 102 -5.70 12.20 -6.44
C GLY A 102 -5.99 10.83 -6.99
N VAL A 103 -5.18 9.85 -6.59
CA VAL A 103 -5.25 8.47 -7.13
C VAL A 103 -4.77 7.51 -6.05
N SER A 104 -5.47 6.39 -5.91
CA SER A 104 -5.14 5.27 -5.02
C SER A 104 -5.43 3.99 -5.79
N MET A 105 -4.47 3.58 -6.60
CA MET A 105 -4.50 2.31 -7.37
C MET A 105 -3.45 1.41 -6.73
N GLY A 106 -3.91 0.24 -6.29
CA GLY A 106 -3.12 -0.68 -5.48
C GLY A 106 -2.79 -1.94 -6.26
N SER A 107 -1.99 -2.79 -5.63
CA SER A 107 -1.68 -4.14 -6.12
C SER A 107 -1.30 -5.03 -4.95
N GLY A 108 -1.61 -6.32 -5.05
CA GLY A 108 -1.19 -7.30 -4.02
C GLY A 108 0.29 -7.56 -4.09
N ILE A 109 0.80 -7.81 -5.30
CA ILE A 109 2.17 -8.36 -5.56
C ILE A 109 3.01 -7.41 -6.43
N GLY A 110 2.39 -6.60 -7.29
CA GLY A 110 3.13 -5.65 -8.12
C GLY A 110 3.96 -6.38 -9.18
N GLY A 111 5.12 -5.85 -9.53
CA GLY A 111 5.78 -6.19 -10.81
C GLY A 111 6.58 -7.46 -10.68
N LEU A 112 5.93 -8.58 -10.37
CA LEU A 112 6.64 -9.86 -10.11
C LEU A 112 7.31 -10.33 -11.41
N THR A 113 6.64 -10.22 -12.57
CA THR A 113 7.20 -10.60 -13.91
C THR A 113 8.50 -9.82 -14.10
N ASN A 114 8.43 -8.50 -13.96
CA ASN A 114 9.62 -7.64 -14.15
C ASN A 114 10.72 -8.09 -13.17
N ILE A 115 10.38 -8.34 -11.91
CA ILE A 115 11.40 -8.60 -10.86
C ILE A 115 12.04 -9.97 -11.15
N GLU A 116 11.24 -10.93 -11.62
CA GLU A 116 11.66 -12.29 -12.00
C GLU A 116 12.66 -12.16 -13.16
N ASN A 117 12.25 -11.48 -14.24
CA ASN A 117 13.07 -11.29 -15.47
C ASN A 117 14.40 -10.63 -15.12
N ASN A 118 14.38 -9.64 -14.22
CA ASN A 118 15.62 -8.94 -13.82
C ASN A 118 16.45 -9.83 -12.92
N CYS A 119 15.83 -10.65 -12.08
CA CYS A 119 16.55 -11.61 -11.21
C CYS A 119 17.30 -12.61 -12.11
N ARG A 120 16.71 -13.04 -13.22
CA ARG A 120 17.34 -13.98 -14.18
C ARG A 120 18.58 -13.32 -14.82
N SER A 121 18.43 -12.08 -15.30
CA SER A 121 19.54 -11.22 -15.80
C SER A 121 20.67 -11.14 -14.77
N LEU A 122 20.35 -10.88 -13.50
CA LEU A 122 21.37 -10.74 -12.43
C LEU A 122 22.15 -12.06 -12.28
N PHE A 123 21.47 -13.20 -12.17
CA PHE A 123 22.06 -14.51 -11.81
C PHE A 123 22.84 -15.13 -12.98
N GLU A 124 22.34 -14.95 -14.19
CA GLU A 124 22.87 -15.62 -15.39
C GLU A 124 23.96 -14.75 -16.00
N GLN A 125 23.89 -13.43 -15.83
CA GLN A 125 24.80 -12.47 -16.50
C GLN A 125 25.56 -11.67 -15.44
N GLY A 126 24.84 -10.92 -14.61
CA GLY A 126 25.46 -9.98 -13.67
C GLY A 126 24.56 -8.76 -13.49
N PRO A 127 24.87 -7.91 -12.49
CA PRO A 127 24.05 -6.76 -12.15
C PRO A 127 24.07 -5.68 -13.23
N ARG A 128 25.09 -5.69 -14.10
CA ARG A 128 25.20 -4.70 -15.20
C ARG A 128 24.04 -4.90 -16.19
N ARG A 129 23.37 -6.05 -16.18
CA ARG A 129 22.25 -6.29 -17.12
C ARG A 129 20.89 -5.95 -16.49
N ILE A 130 20.83 -5.53 -15.23
CA ILE A 130 19.52 -5.11 -14.62
C ILE A 130 19.03 -3.85 -15.35
N SER A 131 17.75 -3.77 -15.70
CA SER A 131 17.15 -2.58 -16.35
C SER A 131 17.34 -1.37 -15.45
N PRO A 132 17.77 -0.21 -16.01
CA PRO A 132 17.71 1.06 -15.27
C PRO A 132 16.31 1.39 -14.76
N PHE A 133 15.27 0.83 -15.38
CA PHE A 133 13.84 1.09 -15.04
C PHE A 133 13.29 0.02 -14.08
N PHE A 134 14.13 -0.90 -13.58
CA PHE A 134 13.72 -2.00 -12.67
C PHE A 134 12.85 -1.48 -11.51
N VAL A 135 13.27 -0.43 -10.82
CA VAL A 135 12.51 0.10 -9.63
C VAL A 135 11.26 0.84 -10.08
N PRO A 136 11.30 1.94 -10.87
CA PRO A 136 10.08 2.68 -11.19
C PRO A 136 9.15 1.86 -12.09
N GLY A 137 9.66 0.80 -12.73
CA GLY A 137 8.84 -0.06 -13.61
C GLY A 137 8.17 -1.20 -12.87
N SER A 138 8.47 -1.42 -11.59
CA SER A 138 8.07 -2.64 -10.83
C SER A 138 7.31 -2.31 -9.55
N ILE A 139 7.65 -1.23 -8.82
CA ILE A 139 7.11 -1.00 -7.45
C ILE A 139 5.66 -0.51 -7.52
N ILE A 140 4.89 -0.83 -6.49
CA ILE A 140 3.40 -0.90 -6.56
C ILE A 140 2.83 0.52 -6.70
N ASN A 141 3.47 1.53 -6.13
CA ASN A 141 2.93 2.93 -6.11
C ASN A 141 2.99 3.59 -7.49
N MET A 142 3.53 2.92 -8.51
CA MET A 142 3.85 3.63 -9.78
C MET A 142 2.62 3.64 -10.70
N VAL A 143 1.53 2.94 -10.37
CA VAL A 143 0.25 3.18 -11.10
C VAL A 143 -0.24 4.59 -10.75
N SER A 144 -0.36 4.86 -9.44
CA SER A 144 -0.68 6.20 -8.91
C SER A 144 0.32 7.24 -9.46
N GLY A 145 1.59 6.91 -9.45
CA GLY A 145 2.67 7.78 -9.92
C GLY A 145 2.49 8.17 -11.37
N PHE A 146 2.45 7.17 -12.28
CA PHE A 146 2.40 7.40 -13.74
C PHE A 146 1.05 8.01 -14.10
N LEU A 147 -0.04 7.67 -13.41
CA LEU A 147 -1.36 8.23 -13.77
C LEU A 147 -1.31 9.74 -13.49
N SER A 148 -0.77 10.13 -12.35
N SER A 148 -0.79 10.13 -12.33
CA SER A 148 -0.68 11.54 -11.92
CA SER A 148 -0.65 11.55 -11.90
C SER A 148 0.16 12.35 -12.92
C SER A 148 0.15 12.34 -12.93
N ILE A 149 1.26 11.77 -13.41
CA ILE A 149 2.21 12.41 -14.38
C ILE A 149 1.49 12.63 -15.72
N HIS A 150 0.78 11.62 -16.22
CA HIS A 150 0.03 11.68 -17.52
C HIS A 150 -1.16 12.64 -17.47
N LEU A 151 -1.90 12.70 -16.34
CA LEU A 151 -3.16 13.50 -16.30
C LEU A 151 -2.98 14.83 -15.55
N GLY A 152 -1.86 15.01 -14.83
CA GLY A 152 -1.58 16.21 -14.01
C GLY A 152 -2.42 16.24 -12.72
N LEU A 153 -2.57 15.09 -12.06
CA LEU A 153 -3.32 14.97 -10.79
C LEU A 153 -2.35 15.30 -9.63
N GLN A 154 -2.64 16.33 -8.83
CA GLN A 154 -1.70 16.77 -7.78
C GLN A 154 -2.32 16.50 -6.39
N GLY A 155 -3.50 15.88 -6.34
CA GLY A 155 -4.14 15.50 -5.07
C GLY A 155 -3.40 14.37 -4.36
N PRO A 156 -3.97 13.82 -3.28
CA PRO A 156 -3.35 12.69 -2.58
C PRO A 156 -3.02 11.55 -3.54
N ASN A 157 -1.81 11.02 -3.38
CA ASN A 157 -1.19 10.08 -4.33
C ASN A 157 -0.57 8.98 -3.50
N TYR A 158 -1.17 7.80 -3.50
CA TYR A 158 -0.71 6.67 -2.65
C TYR A 158 -1.18 5.35 -3.24
N ALA A 159 -0.79 4.26 -2.59
CA ALA A 159 -1.14 2.90 -3.04
C ALA A 159 -1.26 2.00 -1.80
N LEU A 160 -2.29 1.17 -1.78
CA LEU A 160 -2.49 0.12 -0.75
C LEU A 160 -1.92 -1.17 -1.30
N THR A 161 -1.46 -2.01 -0.40
CA THR A 161 -1.15 -3.41 -0.74
C THR A 161 -1.60 -4.26 0.44
N THR A 162 -2.80 -4.82 0.34
CA THR A 162 -3.44 -5.64 1.40
C THR A 162 -3.89 -6.93 0.72
N ALA A 163 -3.00 -7.49 -0.10
CA ALA A 163 -3.17 -8.80 -0.73
C ALA A 163 -4.52 -8.84 -1.45
N GLN A 164 -5.36 -9.84 -1.21
CA GLN A 164 -6.60 -10.06 -2.00
C GLN A 164 -7.69 -9.05 -1.61
N THR A 165 -7.44 -8.17 -0.65
CA THR A 165 -8.40 -7.09 -0.23
C THR A 165 -8.03 -5.75 -0.83
N THR A 166 -6.92 -5.68 -1.54
CA THR A 166 -6.33 -4.39 -2.01
C THR A 166 -7.37 -3.52 -2.71
N GLY A 167 -8.15 -4.04 -3.66
CA GLY A 167 -9.03 -3.19 -4.50
C GLY A 167 -10.15 -2.58 -3.67
N THR A 168 -10.65 -3.33 -2.71
CA THR A 168 -11.78 -2.89 -1.88
C THR A 168 -11.26 -1.80 -0.92
N HIS A 169 -10.17 -2.05 -0.22
CA HIS A 169 -9.51 -1.05 0.66
C HIS A 169 -9.16 0.22 -0.10
N SER A 170 -8.61 0.08 -1.33
CA SER A 170 -8.21 1.25 -2.16
C SER A 170 -9.42 2.14 -2.40
N ILE A 171 -10.52 1.53 -2.82
CA ILE A 171 -11.76 2.28 -3.13
C ILE A 171 -12.33 2.89 -1.85
N GLY A 172 -12.48 2.11 -0.77
CA GLY A 172 -12.99 2.56 0.54
C GLY A 172 -12.25 3.76 1.13
N MET A 173 -10.92 3.67 1.21
N MET A 173 -10.92 3.70 1.18
CA MET A 173 -10.05 4.74 1.76
CA MET A 173 -10.10 4.78 1.78
C MET A 173 -10.08 5.97 0.84
C MET A 173 -10.00 5.99 0.83
N ALA A 174 -10.12 5.78 -0.48
CA ALA A 174 -10.27 6.89 -1.47
C ALA A 174 -11.60 7.63 -1.20
N ALA A 175 -12.69 6.91 -0.92
CA ALA A 175 -13.99 7.52 -0.55
C ALA A 175 -13.85 8.34 0.74
N ARG A 176 -13.11 7.85 1.73
CA ARG A 176 -12.90 8.56 3.02
C ARG A 176 -12.12 9.85 2.75
N ASN A 177 -11.11 9.80 1.88
CA ASN A 177 -10.37 11.02 1.48
C ASN A 177 -11.37 12.09 1.03
N ILE A 178 -12.34 11.72 0.22
CA ILE A 178 -13.33 12.68 -0.34
C ILE A 178 -14.32 13.04 0.77
N ALA A 179 -14.84 12.03 1.46
CA ALA A 179 -15.78 12.20 2.59
C ALA A 179 -15.28 13.33 3.51
N TYR A 180 -14.01 13.29 3.89
CA TYR A 180 -13.39 14.16 4.93
C TYR A 180 -12.81 15.45 4.35
N GLY A 181 -12.84 15.67 3.04
CA GLY A 181 -12.44 16.96 2.44
C GLY A 181 -10.98 17.00 1.97
N GLU A 182 -10.24 15.88 2.02
CA GLU A 182 -8.82 15.81 1.58
C GLU A 182 -8.73 15.88 0.05
N ALA A 183 -9.80 15.51 -0.66
CA ALA A 183 -9.89 15.55 -2.14
C ALA A 183 -11.37 15.67 -2.54
N ASP A 184 -11.65 16.10 -3.77
CA ASP A 184 -13.03 16.10 -4.30
C ASP A 184 -13.19 14.94 -5.28
N VAL A 185 -12.10 14.49 -5.89
CA VAL A 185 -12.13 13.38 -6.87
C VAL A 185 -10.98 12.43 -6.55
N MET A 186 -11.21 11.13 -6.68
CA MET A 186 -10.10 10.17 -6.56
C MET A 186 -10.30 9.13 -7.65
N VAL A 187 -9.20 8.71 -8.30
CA VAL A 187 -9.21 7.48 -9.13
C VAL A 187 -8.71 6.33 -8.26
N ALA A 188 -9.50 5.28 -8.06
CA ALA A 188 -9.16 4.25 -7.06
C ALA A 188 -9.53 2.88 -7.59
N GLY A 189 -8.72 1.89 -7.22
CA GLY A 189 -8.93 0.52 -7.64
C GLY A 189 -7.65 -0.25 -7.48
N GLY A 190 -7.41 -1.18 -8.38
CA GLY A 190 -6.25 -2.06 -8.25
C GLY A 190 -5.92 -2.74 -9.55
N SER A 191 -4.73 -3.34 -9.60
CA SER A 191 -4.24 -4.07 -10.80
C SER A 191 -3.30 -5.17 -10.33
N GLU A 192 -3.30 -6.21 -11.14
CA GLU A 192 -2.50 -7.40 -10.83
C GLU A 192 -2.12 -8.14 -12.10
N MET A 193 -0.89 -8.62 -12.14
N MET A 193 -0.89 -8.62 -12.13
CA MET A 193 -0.41 -9.61 -13.14
CA MET A 193 -0.35 -9.58 -13.13
C MET A 193 0.68 -10.46 -12.47
C MET A 193 0.70 -10.44 -12.43
N ALA A 194 0.25 -11.48 -11.73
CA ALA A 194 1.14 -12.33 -10.93
C ALA A 194 1.40 -13.64 -11.69
N ALA A 195 0.93 -13.77 -12.92
CA ALA A 195 1.06 -15.01 -13.74
C ALA A 195 2.44 -15.04 -14.36
N CYS A 196 3.44 -15.25 -13.51
CA CYS A 196 4.82 -15.62 -13.90
C CYS A 196 5.21 -16.88 -13.12
N GLY A 197 6.42 -17.40 -13.31
CA GLY A 197 6.91 -18.60 -12.59
C GLY A 197 6.73 -18.48 -11.08
N LEU A 198 7.22 -17.39 -10.49
CA LEU A 198 7.19 -17.18 -9.03
C LEU A 198 5.75 -17.12 -8.54
N GLY A 199 4.86 -16.47 -9.29
CA GLY A 199 3.44 -16.36 -8.90
C GLY A 199 2.77 -17.73 -8.91
N LEU A 200 2.72 -18.38 -10.08
CA LEU A 200 2.07 -19.70 -10.21
C LEU A 200 2.81 -20.72 -9.35
N GLY A 201 4.14 -20.71 -9.39
CA GLY A 201 4.97 -21.57 -8.52
C GLY A 201 4.70 -21.32 -7.05
N GLY A 202 4.64 -20.05 -6.63
CA GLY A 202 4.49 -19.72 -5.19
C GLY A 202 3.12 -20.11 -4.65
N PHE A 203 2.04 -19.71 -5.33
CA PHE A 203 0.68 -20.17 -4.95
C PHE A 203 0.58 -21.70 -5.12
N GLY A 204 1.23 -22.25 -6.13
CA GLY A 204 1.34 -23.71 -6.30
C GLY A 204 2.01 -24.37 -5.11
N ALA A 205 3.13 -23.85 -4.63
CA ALA A 205 3.85 -24.41 -3.48
C ALA A 205 2.94 -24.42 -2.26
N ALA A 206 1.99 -23.48 -2.15
CA ALA A 206 1.08 -23.39 -0.98
C ALA A 206 -0.11 -24.32 -1.21
N ARG A 207 -0.22 -24.90 -2.40
CA ARG A 207 -1.33 -25.82 -2.77
C ARG A 207 -2.66 -25.08 -2.66
N ALA A 208 -2.67 -23.76 -2.95
CA ALA A 208 -3.83 -22.84 -2.87
C ALA A 208 -4.64 -22.83 -4.17
N LEU A 209 -4.05 -23.24 -5.29
CA LEU A 209 -4.64 -23.15 -6.65
C LEU A 209 -5.38 -24.44 -7.02
N SER A 210 -6.49 -24.32 -7.76
CA SER A 210 -7.12 -25.43 -8.48
C SER A 210 -6.08 -26.05 -9.41
N THR A 211 -6.05 -27.38 -9.46
CA THR A 211 -5.19 -28.14 -10.40
C THR A 211 -6.06 -28.82 -11.47
N ARG A 212 -7.24 -28.28 -11.77
CA ARG A 212 -8.17 -28.85 -12.80
C ARG A 212 -7.67 -28.49 -14.22
N ASN A 213 -6.47 -28.92 -14.59
CA ASN A 213 -5.79 -28.48 -15.83
C ASN A 213 -6.57 -28.95 -17.06
N ASP A 214 -7.32 -30.06 -16.92
CA ASP A 214 -8.00 -30.69 -18.07
C ASP A 214 -9.38 -30.10 -18.30
N GLU A 215 -9.86 -29.20 -17.44
CA GLU A 215 -11.15 -28.50 -17.66
C GLU A 215 -11.06 -27.12 -17.00
N PRO A 216 -10.23 -26.19 -17.52
CA PRO A 216 -10.01 -24.91 -16.84
C PRO A 216 -11.27 -24.05 -16.59
N THR A 217 -12.28 -24.08 -17.48
CA THR A 217 -13.47 -23.21 -17.33
C THR A 217 -14.32 -23.72 -16.17
N ARG A 218 -14.12 -24.95 -15.71
CA ARG A 218 -14.91 -25.53 -14.59
C ARG A 218 -14.13 -25.46 -13.27
N ALA A 219 -12.90 -24.95 -13.27
CA ALA A 219 -11.99 -25.01 -12.10
C ALA A 219 -12.51 -24.13 -10.95
N SER A 220 -12.95 -22.92 -11.29
CA SER A 220 -13.47 -21.91 -10.33
C SER A 220 -14.95 -22.21 -10.07
N ARG A 221 -15.25 -22.74 -8.89
CA ARG A 221 -16.58 -23.33 -8.59
C ARG A 221 -16.91 -23.01 -7.14
N PRO A 222 -17.06 -21.69 -6.84
CA PRO A 222 -17.36 -21.23 -5.48
C PRO A 222 -18.58 -21.93 -4.88
N TRP A 223 -18.38 -22.55 -3.71
CA TRP A 223 -19.43 -23.23 -2.88
C TRP A 223 -19.79 -24.61 -3.46
N ASP A 224 -19.22 -25.00 -4.60
CA ASP A 224 -19.43 -26.34 -5.18
C ASP A 224 -18.67 -27.36 -4.31
N ARG A 225 -19.24 -28.53 -4.03
CA ARG A 225 -18.59 -29.55 -3.17
C ARG A 225 -17.27 -30.01 -3.78
N ASP A 226 -17.05 -29.84 -5.09
CA ASP A 226 -15.85 -30.37 -5.79
C ASP A 226 -14.80 -29.27 -6.04
N ARG A 227 -14.88 -28.11 -5.37
CA ARG A 227 -13.87 -27.01 -5.50
C ARG A 227 -12.54 -27.48 -4.92
N ASP A 228 -11.42 -27.02 -5.47
CA ASP A 228 -10.05 -27.45 -5.05
C ASP A 228 -9.07 -26.28 -5.09
N GLY A 229 -9.54 -25.05 -4.89
CA GLY A 229 -8.67 -23.86 -4.82
C GLY A 229 -9.01 -22.78 -5.84
N PHE A 230 -8.35 -21.63 -5.73
CA PHE A 230 -8.72 -20.46 -6.54
C PHE A 230 -7.98 -20.59 -7.87
N VAL A 231 -8.49 -19.86 -8.82
CA VAL A 231 -7.90 -19.72 -10.18
C VAL A 231 -7.28 -18.33 -10.26
N LEU A 232 -6.03 -18.27 -10.70
CA LEU A 232 -5.23 -17.01 -10.71
C LEU A 232 -5.54 -16.28 -12.02
N SER A 233 -5.88 -14.99 -11.89
CA SER A 233 -6.33 -14.13 -12.99
C SER A 233 -5.69 -12.75 -12.87
N ASP A 234 -5.69 -12.08 -14.00
CA ASP A 234 -4.92 -10.84 -14.27
C ASP A 234 -5.92 -9.74 -14.65
N GLY A 235 -5.52 -8.49 -14.41
CA GLY A 235 -6.27 -7.34 -14.94
C GLY A 235 -6.29 -6.19 -13.94
N SER A 236 -7.32 -5.36 -14.05
N SER A 236 -7.27 -5.30 -14.09
CA SER A 236 -7.42 -4.04 -13.38
CA SER A 236 -7.40 -4.06 -13.30
C SER A 236 -8.87 -3.56 -13.35
C SER A 236 -8.85 -3.54 -13.35
N GLY A 237 -9.24 -2.85 -12.28
CA GLY A 237 -10.47 -2.06 -12.17
C GLY A 237 -10.10 -0.69 -11.64
N ALA A 238 -10.73 0.35 -12.18
CA ALA A 238 -10.57 1.73 -11.68
C ALA A 238 -11.95 2.37 -11.64
N LEU A 239 -12.21 3.15 -10.62
CA LEU A 239 -13.45 3.94 -10.48
C LEU A 239 -13.04 5.39 -10.22
N VAL A 240 -13.79 6.32 -10.80
CA VAL A 240 -13.72 7.75 -10.40
C VAL A 240 -14.75 7.97 -9.31
N LEU A 241 -14.25 8.26 -8.12
CA LEU A 241 -15.05 8.61 -6.92
C LEU A 241 -15.06 10.13 -6.87
N GLU A 242 -16.20 10.72 -6.48
CA GLU A 242 -16.40 12.18 -6.61
C GLU A 242 -17.37 12.65 -5.52
N GLU A 243 -17.02 13.71 -4.82
CA GLU A 243 -17.97 14.35 -3.88
C GLU A 243 -19.29 14.63 -4.62
N LEU A 244 -20.43 14.37 -3.99
CA LEU A 244 -21.78 14.46 -4.62
C LEU A 244 -22.02 15.84 -5.23
N GLU A 245 -21.82 16.91 -4.46
CA GLU A 245 -22.18 18.30 -4.89
C GLU A 245 -21.28 18.68 -6.07
N HIS A 246 -20.00 18.27 -6.04
CA HIS A 246 -19.02 18.45 -7.15
C HIS A 246 -19.56 17.75 -8.41
N ALA A 247 -20.11 16.53 -8.27
CA ALA A 247 -20.63 15.76 -9.42
C ALA A 247 -21.87 16.47 -9.95
N ARG A 248 -22.74 16.86 -9.02
CA ARG A 248 -24.00 17.57 -9.34
C ARG A 248 -23.68 18.85 -10.11
N ALA A 249 -22.72 19.62 -9.61
CA ALA A 249 -22.33 20.96 -10.13
C ALA A 249 -21.87 20.86 -11.58
N ARG A 250 -21.25 19.78 -12.03
CA ARG A 250 -20.73 19.68 -13.43
C ARG A 250 -21.68 18.84 -14.30
N GLY A 251 -22.83 18.43 -13.78
CA GLY A 251 -23.81 17.59 -14.52
C GLY A 251 -23.28 16.20 -14.81
N ALA A 252 -22.52 15.59 -13.89
CA ALA A 252 -21.90 14.27 -14.11
C ALA A 252 -23.00 13.22 -14.19
N ARG A 253 -22.82 12.19 -15.00
CA ARG A 253 -23.63 10.95 -14.91
C ARG A 253 -23.17 10.20 -13.67
N ILE A 254 -24.09 9.94 -12.74
CA ILE A 254 -23.81 9.21 -11.47
C ILE A 254 -24.30 7.77 -11.60
N TYR A 255 -23.40 6.79 -11.48
CA TYR A 255 -23.75 5.36 -11.58
C TYR A 255 -24.47 4.90 -10.30
N ALA A 256 -23.98 5.31 -9.13
CA ALA A 256 -24.45 4.87 -7.81
C ALA A 256 -23.72 5.67 -6.74
N GLU A 257 -24.18 5.56 -5.50
CA GLU A 257 -23.54 6.22 -4.34
C GLU A 257 -22.77 5.15 -3.57
N LEU A 258 -21.59 5.52 -3.07
N LEU A 258 -21.59 5.51 -3.06
CA LEU A 258 -20.78 4.72 -2.12
CA LEU A 258 -20.80 4.69 -2.12
C LEU A 258 -21.17 5.16 -0.71
C LEU A 258 -21.16 5.15 -0.71
N VAL A 259 -21.98 4.36 0.00
CA VAL A 259 -22.59 4.77 1.31
C VAL A 259 -21.88 4.15 2.52
N GLY A 260 -21.12 3.07 2.34
CA GLY A 260 -20.57 2.32 3.47
C GLY A 260 -19.22 1.70 3.14
N PHE A 261 -18.31 1.76 4.10
CA PHE A 261 -17.02 1.04 4.02
C PHE A 261 -16.69 0.47 5.41
N GLY A 262 -16.27 -0.80 5.41
CA GLY A 262 -15.84 -1.50 6.60
C GLY A 262 -14.50 -2.16 6.35
N MET A 263 -13.67 -2.15 7.39
CA MET A 263 -12.47 -2.97 7.53
C MET A 263 -12.56 -3.64 8.88
N SER A 264 -11.98 -4.81 8.97
CA SER A 264 -11.70 -5.48 10.27
C SER A 264 -10.50 -6.37 10.00
N GLY A 265 -9.74 -6.73 11.03
CA GLY A 265 -8.79 -7.84 10.98
C GLY A 265 -9.38 -9.06 11.64
N ASP A 266 -9.13 -10.24 11.10
CA ASP A 266 -9.45 -11.56 11.71
C ASP A 266 -8.60 -11.76 12.97
N ALA A 267 -7.33 -11.36 12.93
CA ALA A 267 -6.35 -11.69 13.99
C ALA A 267 -6.39 -13.21 14.23
N PHE A 268 -6.55 -14.00 13.18
CA PHE A 268 -6.74 -15.47 13.27
C PHE A 268 -5.50 -16.22 12.75
N HIS A 269 -5.17 -16.07 11.46
CA HIS A 269 -4.11 -16.87 10.80
C HIS A 269 -3.55 -16.09 9.59
N MET A 270 -2.28 -16.30 9.26
CA MET A 270 -1.58 -15.61 8.15
C MET A 270 -2.34 -15.80 6.86
N THR A 271 -2.94 -16.98 6.62
CA THR A 271 -3.51 -17.38 5.30
C THR A 271 -4.91 -17.99 5.38
N ALA A 272 -5.29 -18.62 6.48
CA ALA A 272 -6.61 -19.30 6.60
C ALA A 272 -7.64 -18.36 7.22
N PRO A 273 -8.86 -18.30 6.67
CA PRO A 273 -9.95 -17.53 7.28
C PRO A 273 -10.55 -18.37 8.41
N PRO A 274 -11.08 -17.78 9.48
CA PRO A 274 -11.74 -18.60 10.51
C PRO A 274 -13.01 -19.23 9.90
N GLU A 275 -13.30 -20.48 10.22
CA GLU A 275 -14.46 -21.27 9.69
C GLU A 275 -15.80 -20.55 9.90
N ASP A 276 -15.96 -19.84 11.02
CA ASP A 276 -17.23 -19.18 11.44
C ASP A 276 -17.40 -17.82 10.74
N GLY A 277 -16.41 -17.32 10.02
CA GLY A 277 -16.54 -16.04 9.29
C GLY A 277 -16.57 -14.83 10.20
N ALA A 278 -15.99 -14.91 11.42
CA ALA A 278 -16.12 -13.89 12.48
C ALA A 278 -15.58 -12.52 12.00
N GLY A 279 -14.42 -12.49 11.33
CA GLY A 279 -13.78 -11.24 10.86
C GLY A 279 -14.57 -10.63 9.71
N ALA A 280 -15.00 -11.44 8.76
CA ALA A 280 -15.92 -11.04 7.66
C ALA A 280 -17.24 -10.46 8.21
N ALA A 281 -17.82 -11.08 9.24
CA ALA A 281 -19.08 -10.62 9.88
C ALA A 281 -18.83 -9.25 10.52
N ARG A 282 -17.73 -9.11 11.24
CA ARG A 282 -17.40 -7.82 11.93
C ARG A 282 -17.29 -6.74 10.85
N CYS A 283 -16.60 -7.05 9.76
CA CYS A 283 -16.36 -6.10 8.64
C CYS A 283 -17.67 -5.66 7.99
N MET A 284 -18.57 -6.58 7.66
CA MET A 284 -19.88 -6.23 7.04
C MET A 284 -20.73 -5.39 8.01
N LYS A 285 -20.70 -5.72 9.29
CA LYS A 285 -21.46 -4.96 10.32
C LYS A 285 -20.91 -3.54 10.39
N ASN A 286 -19.58 -3.36 10.38
CA ASN A 286 -18.98 -2.01 10.36
C ASN A 286 -19.51 -1.25 9.14
N ALA A 287 -19.45 -1.90 7.97
CA ALA A 287 -19.88 -1.29 6.70
C ALA A 287 -21.39 -0.93 6.74
N LEU A 288 -22.26 -1.76 7.33
CA LEU A 288 -23.72 -1.49 7.30
C LEU A 288 -24.02 -0.33 8.25
N ARG A 289 -23.35 -0.32 9.40
CA ARG A 289 -23.47 0.77 10.40
C ARG A 289 -22.93 2.08 9.79
N ASP A 290 -21.77 2.02 9.11
CA ASP A 290 -21.19 3.17 8.37
C ASP A 290 -22.23 3.74 7.39
N ALA A 291 -23.00 2.88 6.72
CA ALA A 291 -24.00 3.28 5.70
C ALA A 291 -25.35 3.67 6.34
N GLY A 292 -25.54 3.50 7.64
CA GLY A 292 -26.81 3.79 8.33
C GLY A 292 -27.92 2.86 7.85
N LEU A 293 -27.63 1.59 7.58
CA LEU A 293 -28.59 0.63 6.97
C LEU A 293 -29.07 -0.42 7.97
N ASP A 294 -30.34 -0.78 7.80
CA ASP A 294 -30.89 -2.05 8.29
C ASP A 294 -30.31 -3.15 7.41
N PRO A 295 -29.74 -4.24 7.96
CA PRO A 295 -29.22 -5.35 7.14
C PRO A 295 -30.27 -5.87 6.14
N ARG A 296 -31.56 -5.76 6.48
CA ARG A 296 -32.65 -6.19 5.56
C ARG A 296 -32.66 -5.37 4.27
N GLN A 297 -31.95 -4.25 4.19
CA GLN A 297 -31.98 -3.38 2.98
C GLN A 297 -31.05 -4.00 1.92
N VAL A 298 -30.17 -4.92 2.31
CA VAL A 298 -29.20 -5.54 1.36
C VAL A 298 -29.91 -6.50 0.41
N ASP A 299 -29.82 -6.22 -0.89
CA ASP A 299 -30.46 -7.01 -1.98
C ASP A 299 -29.44 -7.96 -2.62
N TYR A 300 -28.20 -7.52 -2.82
CA TYR A 300 -27.17 -8.30 -3.56
C TYR A 300 -25.81 -8.23 -2.85
N ILE A 301 -25.13 -9.37 -2.78
CA ILE A 301 -23.73 -9.41 -2.28
C ILE A 301 -22.84 -10.03 -3.37
N ASN A 302 -21.85 -9.27 -3.85
CA ASN A 302 -20.74 -9.82 -4.64
C ASN A 302 -19.74 -10.38 -3.63
N ALA A 303 -19.78 -11.69 -3.45
CA ALA A 303 -18.94 -12.40 -2.47
C ALA A 303 -17.47 -12.27 -2.87
N HIS A 304 -16.58 -12.46 -1.93
CA HIS A 304 -15.18 -12.76 -2.28
C HIS A 304 -15.19 -14.04 -3.12
N GLY A 305 -15.76 -15.13 -2.55
CA GLY A 305 -16.07 -16.39 -3.25
C GLY A 305 -14.91 -16.90 -4.10
N THR A 306 -13.81 -17.29 -3.48
CA THR A 306 -12.53 -17.61 -4.16
C THR A 306 -12.50 -19.04 -4.72
N SER A 307 -13.42 -19.93 -4.31
CA SER A 307 -13.41 -21.38 -4.68
C SER A 307 -12.35 -22.14 -3.86
N THR A 308 -12.03 -21.67 -2.66
CA THR A 308 -11.28 -22.45 -1.65
C THR A 308 -12.31 -23.10 -0.74
N PRO A 309 -12.01 -24.34 -0.28
CA PRO A 309 -12.82 -25.01 0.73
C PRO A 309 -13.16 -24.12 1.94
N ALA A 310 -12.17 -23.55 2.61
CA ALA A 310 -12.37 -22.83 3.90
C ALA A 310 -12.95 -21.43 3.64
N GLY A 311 -12.46 -20.73 2.61
CA GLY A 311 -12.94 -19.37 2.28
C GLY A 311 -14.42 -19.31 2.01
N ASP A 312 -14.91 -20.17 1.11
CA ASP A 312 -16.30 -20.16 0.60
C ASP A 312 -17.26 -20.41 1.77
N ILE A 313 -16.95 -21.35 2.64
CA ILE A 313 -17.88 -21.75 3.73
C ILE A 313 -17.86 -20.67 4.84
N ALA A 314 -16.72 -20.04 5.09
CA ALA A 314 -16.55 -18.92 6.05
C ALA A 314 -17.53 -17.80 5.66
N GLU A 315 -17.66 -17.53 4.37
CA GLU A 315 -18.52 -16.46 3.82
C GLU A 315 -19.99 -16.79 4.05
N ILE A 316 -20.40 -18.04 3.82
CA ILE A 316 -21.81 -18.42 4.12
C ILE A 316 -22.08 -18.12 5.60
N ALA A 317 -21.16 -18.53 6.48
CA ALA A 317 -21.36 -18.46 7.95
C ALA A 317 -21.47 -16.98 8.33
N ALA A 318 -20.62 -16.13 7.73
CA ALA A 318 -20.56 -14.67 8.01
C ALA A 318 -21.87 -14.02 7.58
N VAL A 319 -22.33 -14.31 6.36
CA VAL A 319 -23.60 -13.75 5.81
C VAL A 319 -24.79 -14.20 6.68
N LYS A 320 -24.90 -15.48 7.02
CA LYS A 320 -25.99 -15.99 7.88
C LYS A 320 -25.95 -15.27 9.24
N SER A 321 -24.77 -15.10 9.82
CA SER A 321 -24.61 -14.45 11.13
C SER A 321 -25.05 -12.98 11.03
N VAL A 322 -24.66 -12.23 9.97
CA VAL A 322 -24.99 -10.79 9.81
C VAL A 322 -26.47 -10.62 9.49
N PHE A 323 -27.02 -11.46 8.62
CA PHE A 323 -28.33 -11.19 7.98
C PHE A 323 -29.45 -12.06 8.58
N GLY A 324 -29.12 -13.06 9.41
CA GLY A 324 -30.15 -13.91 10.03
C GLY A 324 -31.09 -14.42 8.96
N GLU A 325 -32.41 -14.31 9.17
CA GLU A 325 -33.43 -14.84 8.23
C GLU A 325 -33.33 -14.09 6.88
N HIS A 326 -32.88 -12.84 6.88
CA HIS A 326 -32.76 -12.08 5.60
C HIS A 326 -31.66 -12.70 4.72
N ALA A 327 -30.76 -13.50 5.28
CA ALA A 327 -29.73 -14.22 4.49
C ALA A 327 -30.40 -15.05 3.38
N HIS A 328 -31.64 -15.53 3.59
CA HIS A 328 -32.42 -16.32 2.59
C HIS A 328 -33.15 -15.43 1.58
N ALA A 329 -33.18 -14.10 1.71
CA ALA A 329 -33.94 -13.22 0.80
C ALA A 329 -33.00 -12.51 -0.19
N LEU A 330 -31.82 -12.08 0.26
CA LEU A 330 -30.80 -11.45 -0.63
C LEU A 330 -30.28 -12.48 -1.65
N SER A 331 -29.57 -12.01 -2.67
CA SER A 331 -28.79 -12.83 -3.63
C SER A 331 -27.32 -12.57 -3.40
N MET A 332 -26.52 -13.63 -3.39
CA MET A 332 -25.07 -13.56 -3.25
C MET A 332 -24.47 -14.35 -4.40
N SER A 333 -23.52 -13.79 -5.13
CA SER A 333 -22.80 -14.54 -6.17
C SER A 333 -21.32 -14.21 -6.14
N SER A 334 -20.55 -15.13 -6.69
CA SER A 334 -19.11 -14.95 -6.93
C SER A 334 -18.87 -14.85 -8.43
N THR A 335 -18.51 -13.68 -8.91
CA THR A 335 -18.14 -13.47 -10.33
C THR A 335 -16.77 -14.10 -10.59
N LYS A 336 -16.05 -14.48 -9.53
CA LYS A 336 -14.78 -15.26 -9.67
C LYS A 336 -15.06 -16.63 -10.30
N SER A 337 -16.31 -17.11 -10.25
CA SER A 337 -16.76 -18.31 -11.00
C SER A 337 -16.37 -18.17 -12.47
N MET A 338 -16.34 -16.94 -12.99
CA MET A 338 -16.10 -16.60 -14.42
C MET A 338 -14.74 -15.92 -14.65
N THR A 339 -14.36 -14.95 -13.80
CA THR A 339 -13.14 -14.11 -13.98
C THR A 339 -11.91 -14.79 -13.37
N GLY A 340 -12.12 -15.69 -12.42
CA GLY A 340 -11.07 -16.14 -11.49
C GLY A 340 -10.72 -15.04 -10.53
N HIS A 341 -9.64 -15.22 -9.79
CA HIS A 341 -9.23 -14.37 -8.65
C HIS A 341 -8.15 -13.42 -9.12
N LEU A 342 -8.50 -12.13 -9.27
CA LEU A 342 -7.56 -11.08 -9.76
C LEU A 342 -6.77 -10.51 -8.58
N LEU A 343 -6.85 -11.14 -7.41
CA LEU A 343 -5.97 -10.84 -6.27
C LEU A 343 -6.23 -9.36 -5.92
N GLY A 344 -5.19 -8.52 -5.89
CA GLY A 344 -5.31 -7.09 -5.53
C GLY A 344 -6.33 -6.35 -6.37
N ALA A 345 -6.60 -6.81 -7.60
CA ALA A 345 -7.58 -6.19 -8.51
C ALA A 345 -8.99 -6.79 -8.31
N ALA A 346 -9.14 -7.89 -7.58
CA ALA A 346 -10.47 -8.54 -7.36
C ALA A 346 -11.51 -7.54 -6.81
N GLY A 347 -11.18 -6.76 -5.78
CA GLY A 347 -12.16 -5.85 -5.15
C GLY A 347 -12.50 -4.73 -6.10
N ALA A 348 -11.60 -4.40 -7.01
CA ALA A 348 -11.81 -3.29 -7.95
C ALA A 348 -12.80 -3.72 -9.05
N VAL A 349 -12.56 -4.85 -9.71
CA VAL A 349 -13.48 -5.33 -10.78
C VAL A 349 -14.84 -5.66 -10.16
N GLU A 350 -14.85 -6.26 -8.96
CA GLU A 350 -16.10 -6.68 -8.28
C GLU A 350 -16.87 -5.45 -7.78
N ALA A 351 -16.19 -4.38 -7.39
CA ALA A 351 -16.90 -3.12 -7.06
C ALA A 351 -17.65 -2.65 -8.32
N ILE A 352 -17.01 -2.75 -9.50
CA ILE A 352 -17.63 -2.33 -10.79
C ILE A 352 -18.83 -3.23 -11.09
N PHE A 353 -18.71 -4.54 -10.89
CA PHE A 353 -19.80 -5.50 -11.17
C PHE A 353 -20.95 -5.22 -10.22
N SER A 354 -20.65 -4.81 -8.99
CA SER A 354 -21.65 -4.45 -7.95
C SER A 354 -22.42 -3.17 -8.38
N VAL A 355 -21.73 -2.18 -8.92
CA VAL A 355 -22.37 -0.94 -9.43
C VAL A 355 -23.25 -1.30 -10.65
N LEU A 356 -22.76 -2.15 -11.55
CA LEU A 356 -23.53 -2.50 -12.78
C LEU A 356 -24.71 -3.40 -12.38
N ALA A 357 -24.60 -4.21 -11.32
CA ALA A 357 -25.77 -4.95 -10.77
C ALA A 357 -26.87 -3.94 -10.40
N LEU A 358 -26.50 -2.79 -9.80
CA LEU A 358 -27.45 -1.73 -9.42
C LEU A 358 -28.01 -1.03 -10.68
N ARG A 359 -27.18 -0.69 -11.66
CA ARG A 359 -27.65 0.01 -12.89
C ARG A 359 -28.65 -0.88 -13.63
N ASP A 360 -28.35 -2.18 -13.79
CA ASP A 360 -29.10 -3.08 -14.70
C ASP A 360 -30.13 -3.91 -13.93
N GLN A 361 -30.13 -3.85 -12.59
CA GLN A 361 -31.07 -4.62 -11.73
C GLN A 361 -30.97 -6.11 -12.05
N VAL A 362 -29.75 -6.65 -11.94
CA VAL A 362 -29.51 -8.09 -12.19
C VAL A 362 -28.37 -8.54 -11.28
N ALA A 363 -28.57 -9.68 -10.64
CA ALA A 363 -27.54 -10.44 -9.93
C ALA A 363 -26.79 -11.30 -10.94
N PRO A 364 -25.47 -11.08 -11.08
CA PRO A 364 -24.60 -11.99 -11.84
C PRO A 364 -24.65 -13.42 -11.31
N PRO A 365 -24.47 -14.46 -12.17
CA PRO A 365 -24.48 -15.84 -11.70
C PRO A 365 -23.16 -16.26 -11.03
N THR A 366 -23.25 -17.27 -10.18
CA THR A 366 -22.10 -18.16 -9.83
C THR A 366 -22.16 -19.32 -10.81
N ILE A 367 -21.34 -19.32 -11.85
CA ILE A 367 -21.32 -20.49 -12.78
C ILE A 367 -20.62 -21.65 -12.05
N ASN A 368 -20.82 -22.86 -12.57
CA ASN A 368 -20.14 -24.11 -12.11
C ASN A 368 -20.66 -24.60 -10.76
N LEU A 369 -21.73 -24.01 -10.23
CA LEU A 369 -22.30 -24.38 -8.90
C LEU A 369 -23.27 -25.56 -9.12
N ASP A 370 -22.71 -26.74 -9.41
CA ASP A 370 -23.48 -27.95 -9.80
C ASP A 370 -24.03 -28.60 -8.53
N ASN A 371 -23.21 -28.72 -7.49
CA ASN A 371 -23.54 -29.41 -6.22
C ASN A 371 -23.11 -28.52 -5.06
N PRO A 372 -23.99 -27.58 -4.67
CA PRO A 372 -23.72 -26.72 -3.52
C PRO A 372 -23.25 -27.58 -2.33
N ASP A 373 -22.23 -27.15 -1.60
CA ASP A 373 -21.64 -27.94 -0.49
C ASP A 373 -22.54 -27.85 0.74
N GLU A 374 -22.24 -28.66 1.75
CA GLU A 374 -22.92 -28.68 3.07
C GLU A 374 -23.06 -27.24 3.54
N GLY A 375 -24.30 -26.81 3.81
CA GLY A 375 -24.66 -25.52 4.43
C GLY A 375 -24.69 -24.35 3.44
N CYS A 376 -24.26 -24.54 2.18
CA CYS A 376 -24.27 -23.49 1.13
C CYS A 376 -25.66 -23.42 0.48
N ASP A 377 -26.68 -23.03 1.27
CA ASP A 377 -28.11 -23.20 0.92
C ASP A 377 -28.78 -21.83 0.78
N LEU A 378 -27.99 -20.77 0.55
CA LEU A 378 -28.52 -19.41 0.26
C LEU A 378 -28.88 -19.32 -1.24
N ASP A 379 -29.50 -18.21 -1.66
CA ASP A 379 -29.59 -17.90 -3.09
C ASP A 379 -28.20 -17.47 -3.59
N LEU A 380 -27.45 -18.38 -4.18
CA LEU A 380 -26.10 -18.14 -4.72
C LEU A 380 -26.15 -17.88 -6.23
N VAL A 381 -27.34 -17.67 -6.79
CA VAL A 381 -27.57 -17.35 -8.23
C VAL A 381 -26.85 -18.40 -9.10
N ALA A 382 -27.01 -19.67 -8.80
CA ALA A 382 -26.38 -20.78 -9.57
C ALA A 382 -26.64 -20.64 -11.08
N HIS A 383 -25.60 -20.74 -11.89
CA HIS A 383 -25.64 -21.00 -13.37
C HIS A 383 -26.03 -19.76 -14.18
N GLU A 384 -27.10 -19.04 -13.83
CA GLU A 384 -27.74 -18.04 -14.71
C GLU A 384 -28.00 -16.75 -13.96
N ALA A 385 -27.76 -15.61 -14.64
CA ALA A 385 -28.00 -14.24 -14.11
C ALA A 385 -29.46 -14.14 -13.67
N LYS A 386 -29.73 -13.44 -12.56
CA LYS A 386 -31.11 -13.34 -12.02
C LYS A 386 -31.54 -11.88 -11.99
N PRO A 387 -32.37 -11.42 -12.94
CA PRO A 387 -33.03 -10.12 -12.82
C PRO A 387 -33.78 -10.02 -11.50
N ARG A 388 -33.69 -8.90 -10.81
CA ARG A 388 -34.28 -8.72 -9.46
C ARG A 388 -34.04 -7.29 -9.01
N LYS A 389 -34.82 -6.88 -8.02
CA LYS A 389 -34.75 -5.56 -7.38
C LYS A 389 -33.45 -5.49 -6.57
N ILE A 390 -32.64 -4.50 -6.87
CA ILE A 390 -31.39 -4.23 -6.11
C ILE A 390 -31.32 -2.73 -5.85
N ASP A 391 -31.58 -2.34 -4.62
CA ASP A 391 -31.36 -0.95 -4.14
C ASP A 391 -29.97 -0.86 -3.50
N VAL A 392 -29.53 -1.92 -2.81
CA VAL A 392 -28.27 -1.93 -2.03
C VAL A 392 -27.49 -3.19 -2.41
N ALA A 393 -26.25 -2.99 -2.81
CA ALA A 393 -25.29 -4.04 -3.20
C ALA A 393 -24.07 -3.89 -2.32
N LEU A 394 -23.54 -5.03 -1.86
N LEU A 394 -23.62 -5.02 -1.75
CA LEU A 394 -22.35 -5.12 -0.98
CA LEU A 394 -22.34 -5.16 -1.01
C LEU A 394 -21.28 -5.97 -1.69
C LEU A 394 -21.30 -5.79 -1.92
N SER A 395 -20.03 -5.52 -1.64
CA SER A 395 -18.88 -6.24 -2.25
C SER A 395 -17.90 -6.57 -1.14
N ASN A 396 -17.61 -7.86 -0.94
CA ASN A 396 -16.68 -8.30 0.14
C ASN A 396 -15.34 -8.75 -0.43
N SER A 397 -14.28 -8.47 0.31
CA SER A 397 -12.94 -9.04 0.05
C SER A 397 -12.34 -9.44 1.40
N PHE A 398 -11.57 -10.52 1.38
N PHE A 398 -11.61 -10.55 1.42
CA PHE A 398 -10.75 -11.05 2.50
CA PHE A 398 -10.73 -10.96 2.54
C PHE A 398 -9.37 -11.37 1.93
C PHE A 398 -9.39 -11.41 1.96
N GLY A 399 -8.32 -11.27 2.74
CA GLY A 399 -6.97 -11.58 2.26
C GLY A 399 -6.09 -12.13 3.35
N PHE A 400 -4.91 -12.58 2.93
CA PHE A 400 -3.78 -12.97 3.80
C PHE A 400 -3.55 -11.85 4.81
N GLY A 401 -3.15 -12.24 6.02
CA GLY A 401 -3.00 -11.34 7.17
C GLY A 401 -4.32 -11.11 7.88
N GLY A 402 -5.36 -11.83 7.48
CA GLY A 402 -6.69 -11.73 8.11
C GLY A 402 -7.34 -10.39 7.83
N THR A 403 -7.05 -9.80 6.67
N THR A 403 -6.99 -9.81 6.68
CA THR A 403 -7.52 -8.44 6.30
CA THR A 403 -7.51 -8.51 6.20
C THR A 403 -8.86 -8.56 5.57
C THR A 403 -8.96 -8.70 5.74
N ASN A 404 -9.82 -7.70 5.92
CA ASN A 404 -11.23 -7.76 5.46
C ASN A 404 -11.67 -6.38 4.98
N GLY A 405 -12.39 -6.33 3.85
CA GLY A 405 -13.00 -5.08 3.38
C GLY A 405 -14.40 -5.32 2.89
N THR A 406 -15.28 -4.32 3.09
CA THR A 406 -16.65 -4.38 2.60
C THR A 406 -16.97 -2.99 2.04
N LEU A 407 -17.52 -2.93 0.83
CA LEU A 407 -18.08 -1.70 0.27
C LEU A 407 -19.60 -1.84 0.14
N VAL A 408 -20.32 -0.77 0.44
CA VAL A 408 -21.79 -0.68 0.30
C VAL A 408 -22.12 0.43 -0.70
N PHE A 409 -22.80 0.04 -1.77
CA PHE A 409 -23.29 0.89 -2.86
C PHE A 409 -24.82 0.86 -2.82
N ARG A 410 -25.47 1.95 -3.17
CA ARG A 410 -26.93 1.96 -3.41
C ARG A 410 -27.23 2.85 -4.62
N ARG A 411 -28.39 2.59 -5.24
CA ARG A 411 -28.94 3.44 -6.32
C ARG A 411 -28.96 4.90 -5.87
N PHE A 412 -28.62 5.81 -6.78
CA PHE A 412 -28.74 7.26 -6.54
C PHE A 412 -29.85 7.85 -7.40
N ALA A 413 -30.72 8.70 -6.82
CA ALA A 413 -31.78 9.45 -7.54
C ALA A 413 -31.49 10.96 -7.50
N SER B 2 -15.95 18.13 13.47
CA SER B 2 -14.72 18.22 14.31
C SER B 2 -13.93 16.92 14.26
N ARG B 3 -12.87 16.84 15.08
CA ARG B 3 -11.75 15.87 14.93
C ARG B 3 -11.16 15.57 16.32
N ARG B 4 -10.69 14.34 16.54
CA ARG B 4 -10.03 14.00 17.82
C ARG B 4 -8.52 14.27 17.69
N ARG B 5 -7.90 14.58 18.82
CA ARG B 5 -6.45 14.83 18.88
C ARG B 5 -5.71 13.49 18.98
N VAL B 6 -4.51 13.42 18.40
CA VAL B 6 -3.68 12.19 18.27
C VAL B 6 -2.30 12.43 18.87
N VAL B 7 -1.87 11.53 19.75
CA VAL B 7 -0.57 11.65 20.45
C VAL B 7 0.23 10.37 20.20
N ILE B 8 1.54 10.49 20.36
CA ILE B 8 2.53 9.39 20.26
C ILE B 8 2.88 8.87 21.66
N THR B 9 2.59 7.60 21.94
CA THR B 9 2.74 6.99 23.30
C THR B 9 3.76 5.85 23.29
N GLY B 10 4.27 5.48 22.12
CA GLY B 10 5.24 4.36 21.99
C GLY B 10 6.02 4.46 20.69
N MET B 11 7.30 4.17 20.74
CA MET B 11 8.18 4.16 19.54
C MET B 11 9.09 2.94 19.59
N GLY B 12 9.47 2.46 18.40
CA GLY B 12 10.32 1.28 18.18
C GLY B 12 11.08 1.42 16.87
N MET B 13 12.26 0.83 16.78
CA MET B 13 13.15 1.10 15.63
C MET B 13 14.22 0.00 15.52
N LEU B 14 14.56 -0.36 14.27
CA LEU B 14 15.85 -0.95 13.88
C LEU B 14 16.47 0.02 12.88
N SER B 15 17.72 0.41 13.07
CA SER B 15 18.39 1.28 12.09
C SER B 15 19.84 0.85 11.93
N PRO B 16 20.55 1.41 10.93
CA PRO B 16 22.00 1.22 10.84
C PRO B 16 22.75 1.75 12.08
N LEU B 17 22.12 2.57 12.92
CA LEU B 17 22.81 3.10 14.13
C LEU B 17 22.50 2.26 15.37
N GLY B 18 21.53 1.34 15.32
CA GLY B 18 21.15 0.67 16.58
C GLY B 18 19.93 -0.22 16.47
N LEU B 19 19.76 -1.09 17.46
CA LEU B 19 18.69 -2.12 17.48
C LEU B 19 17.51 -1.61 18.30
N ASP B 20 17.50 -0.33 18.67
CA ASP B 20 16.32 0.29 19.33
C ASP B 20 16.35 1.81 19.15
N VAL B 21 15.36 2.50 19.69
CA VAL B 21 15.32 3.99 19.59
C VAL B 21 16.48 4.63 20.33
N PRO B 22 16.69 4.42 21.65
CA PRO B 22 17.67 5.22 22.39
C PRO B 22 19.08 5.03 21.86
N SER B 23 19.45 3.82 21.44
CA SER B 23 20.78 3.58 20.82
C SER B 23 20.88 4.33 19.46
N SER B 24 19.85 4.25 18.62
CA SER B 24 19.84 4.97 17.32
C SER B 24 19.97 6.48 17.57
N TRP B 25 19.15 7.03 18.49
CA TRP B 25 19.12 8.47 18.83
C TRP B 25 20.47 8.96 19.36
N GLU B 26 21.13 8.15 20.18
CA GLU B 26 22.48 8.45 20.70
C GLU B 26 23.47 8.61 19.54
N GLY B 27 23.42 7.73 18.53
CA GLY B 27 24.25 7.86 17.31
C GLY B 27 23.91 9.15 16.57
N ILE B 28 22.63 9.43 16.42
CA ILE B 28 22.15 10.62 15.66
C ILE B 28 22.77 11.88 16.28
N LEU B 29 22.63 12.03 17.60
CA LEU B 29 23.09 13.25 18.30
C LEU B 29 24.63 13.30 18.35
N ALA B 30 25.32 12.17 18.20
CA ALA B 30 26.80 12.09 18.15
C ALA B 30 27.32 12.22 16.72
N GLY B 31 26.46 12.33 15.71
CA GLY B 31 26.95 12.49 14.32
C GLY B 31 27.61 11.24 13.80
N ARG B 32 27.30 10.07 14.38
CA ARG B 32 27.88 8.77 13.95
C ARG B 32 27.22 8.31 12.65
N SER B 33 27.99 7.67 11.77
CA SER B 33 27.51 7.04 10.51
C SER B 33 27.24 5.55 10.76
N GLY B 34 26.13 5.03 10.25
CA GLY B 34 25.87 3.58 10.23
C GLY B 34 26.26 2.95 8.91
N ILE B 35 26.97 3.70 8.05
CA ILE B 35 27.26 3.24 6.67
C ILE B 35 28.62 2.54 6.66
N ALA B 36 28.68 1.42 5.93
CA ALA B 36 29.84 0.52 5.85
C ALA B 36 29.67 -0.41 4.65
N PRO B 37 30.78 -1.01 4.16
CA PRO B 37 30.70 -2.04 3.14
C PRO B 37 29.76 -3.15 3.61
N ILE B 38 28.93 -3.63 2.69
CA ILE B 38 27.96 -4.72 2.96
C ILE B 38 28.72 -6.03 3.03
N GLU B 39 28.46 -6.83 4.07
CA GLU B 39 29.20 -8.08 4.30
C GLU B 39 28.36 -9.26 3.86
N HIS B 40 29.02 -10.44 3.81
CA HIS B 40 28.41 -11.77 3.52
C HIS B 40 27.59 -11.67 2.23
N MET B 41 28.21 -11.10 1.19
CA MET B 41 27.55 -10.82 -0.10
C MET B 41 28.61 -10.39 -1.12
N ASP B 42 28.73 -11.08 -2.26
CA ASP B 42 29.73 -10.75 -3.31
C ASP B 42 29.15 -9.61 -4.14
N LEU B 43 29.63 -8.39 -3.91
CA LEU B 43 29.22 -7.17 -4.64
C LEU B 43 30.34 -6.74 -5.61
N SER B 44 31.22 -7.66 -6.03
CA SER B 44 32.38 -7.34 -6.93
C SER B 44 31.91 -6.64 -8.21
N ALA B 45 30.86 -7.15 -8.85
CA ALA B 45 30.40 -6.67 -10.18
C ALA B 45 29.52 -5.41 -10.04
N TYR B 46 29.24 -4.98 -8.81
CA TYR B 46 28.33 -3.84 -8.49
C TYR B 46 29.12 -2.54 -8.43
N SER B 47 28.54 -1.41 -8.86
CA SER B 47 29.19 -0.06 -8.78
C SER B 47 29.09 0.55 -7.36
N THR B 48 28.18 0.06 -6.50
CA THR B 48 28.08 0.44 -5.06
C THR B 48 28.25 -0.83 -4.19
N ARG B 49 29.12 -0.80 -3.17
CA ARG B 49 29.47 -2.01 -2.37
C ARG B 49 29.17 -1.78 -0.89
N PHE B 50 28.45 -0.69 -0.59
CA PHE B 50 28.25 -0.22 0.81
C PHE B 50 26.80 0.22 0.97
N GLY B 51 26.42 0.43 2.22
CA GLY B 51 25.04 0.77 2.64
C GLY B 51 24.92 0.80 4.15
N GLY B 52 23.69 1.03 4.63
CA GLY B 52 23.35 0.98 6.06
C GLY B 52 22.65 -0.32 6.40
N SER B 53 23.40 -1.30 6.92
CA SER B 53 22.89 -2.62 7.35
C SER B 53 22.43 -2.54 8.80
N VAL B 54 21.41 -3.31 9.17
CA VAL B 54 21.10 -3.52 10.62
C VAL B 54 22.16 -4.51 11.14
N LYS B 55 22.87 -4.15 12.20
CA LYS B 55 24.01 -4.94 12.74
C LYS B 55 23.61 -5.66 14.04
N GLY B 56 23.66 -6.99 14.02
CA GLY B 56 23.49 -7.85 15.22
C GLY B 56 22.03 -8.09 15.59
N PHE B 57 21.10 -7.99 14.64
CA PHE B 57 19.65 -8.19 14.88
C PHE B 57 19.45 -9.64 15.30
N ASN B 58 18.80 -9.86 16.45
CA ASN B 58 18.42 -11.21 16.91
C ASN B 58 16.90 -11.32 16.85
N VAL B 59 16.37 -11.90 15.78
CA VAL B 59 14.91 -12.06 15.56
C VAL B 59 14.30 -12.98 16.64
N GLU B 60 15.07 -13.87 17.28
CA GLU B 60 14.55 -14.77 18.33
C GLU B 60 14.23 -14.02 19.64
N GLU B 61 14.61 -12.74 19.81
CA GLU B 61 14.04 -11.90 20.90
C GLU B 61 12.55 -11.62 20.66
N TYR B 62 12.07 -11.82 19.42
CA TYR B 62 10.69 -11.44 19.00
C TYR B 62 9.90 -12.68 18.62
N LEU B 63 10.48 -13.56 17.82
CA LEU B 63 9.81 -14.72 17.19
C LEU B 63 10.57 -16.02 17.47
N SER B 64 9.86 -17.14 17.44
CA SER B 64 10.42 -18.52 17.40
C SER B 64 11.21 -18.65 16.09
N ALA B 65 12.20 -19.52 16.06
CA ALA B 65 13.03 -19.72 14.84
C ALA B 65 12.09 -20.16 13.71
N LYS B 66 11.06 -20.92 14.05
CA LYS B 66 10.12 -21.48 13.05
C LYS B 66 9.26 -20.37 12.40
N GLU B 67 8.76 -19.42 13.18
N GLU B 67 8.72 -19.47 13.24
CA GLU B 67 7.93 -18.31 12.62
CA GLU B 67 7.99 -18.24 12.83
C GLU B 67 8.85 -17.35 11.84
C GLU B 67 8.87 -17.43 11.86
N ALA B 68 10.09 -17.11 12.30
CA ALA B 68 11.06 -16.26 11.58
C ALA B 68 11.46 -16.86 10.22
N ARG B 69 11.57 -18.19 10.09
CA ARG B 69 12.03 -18.83 8.81
C ARG B 69 11.01 -18.53 7.72
N LYS B 70 9.77 -18.23 8.08
CA LYS B 70 8.65 -18.04 7.12
C LYS B 70 8.61 -16.59 6.61
N LEU B 71 9.37 -15.66 7.20
CA LEU B 71 9.17 -14.21 6.96
C LEU B 71 10.42 -13.54 6.38
N ASP B 72 10.24 -12.79 5.30
CA ASP B 72 11.33 -11.94 4.76
C ASP B 72 11.91 -11.09 5.89
N LEU B 73 13.18 -10.73 5.76
CA LEU B 73 13.87 -9.77 6.68
C LEU B 73 13.03 -8.49 6.82
N PHE B 74 12.46 -7.91 5.76
CA PHE B 74 11.70 -6.63 5.91
C PHE B 74 10.53 -6.85 6.90
N ILE B 75 9.89 -8.02 6.89
CA ILE B 75 8.77 -8.34 7.80
C ILE B 75 9.30 -8.51 9.24
N GLN B 76 10.41 -9.24 9.40
CA GLN B 76 11.07 -9.40 10.72
C GLN B 76 11.36 -8.02 11.29
N TYR B 77 11.92 -7.10 10.49
CA TYR B 77 12.35 -5.77 10.98
C TYR B 77 11.10 -4.97 11.41
N GLY B 78 10.02 -5.08 10.62
CA GLY B 78 8.76 -4.40 10.91
C GLY B 78 8.13 -4.88 12.19
N LEU B 79 8.17 -6.19 12.42
CA LEU B 79 7.63 -6.80 13.65
C LEU B 79 8.50 -6.35 14.82
N ALA B 80 9.81 -6.35 14.69
CA ALA B 80 10.70 -5.90 15.80
C ALA B 80 10.32 -4.47 16.24
N ALA B 81 10.26 -3.52 15.30
CA ALA B 81 9.90 -2.10 15.59
C ALA B 81 8.51 -2.05 16.22
N SER B 82 7.54 -2.77 15.66
CA SER B 82 6.13 -2.82 16.12
C SER B 82 6.03 -3.35 17.56
N PHE B 83 6.72 -4.45 17.84
CA PHE B 83 6.77 -5.08 19.18
C PHE B 83 7.32 -4.07 20.19
N GLN B 84 8.44 -3.42 19.82
CA GLN B 84 9.13 -2.42 20.69
C GLN B 84 8.17 -1.26 21.00
N ALA B 85 7.48 -0.77 19.97
CA ALA B 85 6.56 0.39 20.06
C ALA B 85 5.41 0.04 21.02
N VAL B 86 4.77 -1.11 20.85
CA VAL B 86 3.66 -1.53 21.72
C VAL B 86 4.16 -1.68 23.17
N ARG B 87 5.29 -2.36 23.39
CA ARG B 87 5.91 -2.52 24.73
C ARG B 87 6.14 -1.10 25.31
N ASP B 88 6.74 -0.20 24.53
CA ASP B 88 7.10 1.16 24.96
C ASP B 88 5.85 1.95 25.39
N SER B 89 4.68 1.67 24.79
CA SER B 89 3.41 2.43 25.01
C SER B 89 2.76 2.00 26.34
N GLY B 90 3.06 0.79 26.80
CA GLY B 90 2.41 0.19 27.98
C GLY B 90 0.98 -0.27 27.70
N LEU B 91 0.50 -0.18 26.46
CA LEU B 91 -0.92 -0.48 26.12
C LEU B 91 -1.24 -1.93 26.51
N GLU B 92 -2.38 -2.13 27.14
CA GLU B 92 -2.95 -3.47 27.38
C GLU B 92 -4.12 -3.69 26.41
N VAL B 93 -4.01 -4.69 25.55
CA VAL B 93 -5.08 -5.12 24.60
C VAL B 93 -6.04 -6.03 25.39
N THR B 94 -7.35 -5.80 25.24
CA THR B 94 -8.45 -6.48 25.97
C THR B 94 -9.58 -6.79 24.99
N ASP B 95 -10.50 -7.66 25.39
CA ASP B 95 -11.74 -7.89 24.61
C ASP B 95 -12.48 -6.57 24.48
N ALA B 96 -12.35 -5.65 25.43
CA ALA B 96 -13.08 -4.35 25.44
C ALA B 96 -12.48 -3.36 24.42
N ASN B 97 -11.24 -3.50 23.98
CA ASN B 97 -10.63 -2.46 23.10
C ASN B 97 -10.01 -3.05 21.84
N ARG B 98 -9.93 -4.37 21.68
CA ARG B 98 -9.15 -4.96 20.56
C ARG B 98 -9.76 -4.52 19.20
N GLU B 99 -11.06 -4.26 19.11
CA GLU B 99 -11.70 -3.83 17.83
C GLU B 99 -11.31 -2.38 17.51
N ARG B 100 -10.71 -1.66 18.46
CA ARG B 100 -10.37 -0.23 18.29
C ARG B 100 -8.86 -0.05 18.10
N ILE B 101 -8.11 -1.14 17.94
CA ILE B 101 -6.64 -1.10 17.80
C ILE B 101 -6.28 -1.74 16.46
N GLY B 102 -5.64 -0.98 15.57
CA GLY B 102 -5.34 -1.43 14.22
C GLY B 102 -3.88 -1.24 13.93
N VAL B 103 -3.48 -1.55 12.69
N VAL B 103 -3.47 -1.52 12.70
CA VAL B 103 -2.07 -1.55 12.22
CA VAL B 103 -2.03 -1.46 12.30
C VAL B 103 -2.00 -1.05 10.78
C VAL B 103 -1.93 -1.12 10.82
N SER B 104 -1.03 -0.17 10.50
CA SER B 104 -0.66 0.22 9.13
C SER B 104 0.86 0.30 9.10
N MET B 105 1.51 -0.82 8.86
CA MET B 105 2.96 -0.88 8.67
C MET B 105 3.19 -1.19 7.19
N GLY B 106 4.04 -0.38 6.56
CA GLY B 106 4.26 -0.48 5.10
C GLY B 106 5.71 -0.76 4.74
N SER B 107 5.90 -0.90 3.44
CA SER B 107 7.23 -1.05 2.82
C SER B 107 7.21 -0.46 1.40
N GLY B 108 8.34 0.09 0.96
CA GLY B 108 8.51 0.64 -0.40
C GLY B 108 8.69 -0.45 -1.45
N ILE B 109 9.50 -1.46 -1.13
CA ILE B 109 9.96 -2.46 -2.13
C ILE B 109 9.64 -3.90 -1.69
N GLY B 110 9.42 -4.17 -0.41
CA GLY B 110 8.91 -5.47 0.03
C GLY B 110 9.99 -6.54 -0.03
N GLY B 111 9.64 -7.76 -0.44
CA GLY B 111 10.42 -8.97 -0.10
C GLY B 111 11.49 -9.34 -1.13
N LEU B 112 12.40 -8.43 -1.47
CA LEU B 112 13.40 -8.66 -2.56
C LEU B 112 14.34 -9.81 -2.23
N THR B 113 14.73 -9.97 -0.96
CA THR B 113 15.68 -11.01 -0.48
C THR B 113 15.04 -12.39 -0.63
N ASN B 114 13.78 -12.53 -0.21
N ASN B 114 13.76 -12.53 -0.28
CA ASN B 114 12.97 -13.76 -0.40
CA ASN B 114 13.02 -13.80 -0.41
C ASN B 114 12.79 -14.03 -1.89
C ASN B 114 12.73 -14.06 -1.90
N ILE B 115 12.36 -13.03 -2.66
CA ILE B 115 12.19 -13.14 -4.15
C ILE B 115 13.48 -13.65 -4.78
N GLU B 116 14.61 -13.09 -4.37
CA GLU B 116 15.96 -13.45 -4.86
C GLU B 116 16.22 -14.93 -4.60
N ASN B 117 16.04 -15.38 -3.36
CA ASN B 117 16.39 -16.74 -2.90
C ASN B 117 15.45 -17.73 -3.60
N ASN B 118 14.17 -17.38 -3.78
CA ASN B 118 13.20 -18.29 -4.43
C ASN B 118 13.41 -18.34 -5.93
N CYS B 119 13.90 -17.24 -6.52
CA CYS B 119 14.35 -17.18 -7.94
C CYS B 119 15.50 -18.15 -8.21
N ARG B 120 16.50 -18.16 -7.31
CA ARG B 120 17.63 -19.13 -7.33
C ARG B 120 17.02 -20.53 -7.50
N SER B 121 16.22 -20.99 -6.53
CA SER B 121 15.52 -22.30 -6.56
C SER B 121 14.79 -22.50 -7.89
N LEU B 122 13.97 -21.53 -8.31
CA LEU B 122 13.12 -21.66 -9.52
C LEU B 122 13.98 -21.91 -10.77
N PHE B 123 15.02 -21.09 -10.96
CA PHE B 123 15.86 -21.10 -12.19
C PHE B 123 16.72 -22.36 -12.19
N GLU B 124 17.28 -22.72 -11.03
CA GLU B 124 18.22 -23.86 -10.88
C GLU B 124 17.48 -25.21 -10.97
N GLN B 125 16.42 -25.36 -10.17
N GLN B 125 16.44 -25.42 -10.16
CA GLN B 125 15.78 -26.67 -9.85
CA GLN B 125 15.78 -26.76 -10.06
C GLN B 125 14.32 -26.74 -10.33
C GLN B 125 14.25 -26.66 -10.11
N GLY B 126 13.70 -25.61 -10.73
CA GLY B 126 12.27 -25.57 -11.13
C GLY B 126 11.29 -25.21 -10.00
N PRO B 127 10.00 -24.99 -10.31
CA PRO B 127 9.05 -24.42 -9.34
C PRO B 127 8.80 -25.23 -8.06
N ARG B 128 9.05 -26.54 -8.09
CA ARG B 128 8.68 -27.43 -6.96
C ARG B 128 9.64 -27.18 -5.79
N ARG B 129 10.72 -26.42 -5.98
CA ARG B 129 11.59 -26.01 -4.84
C ARG B 129 11.19 -24.63 -4.29
N ILE B 130 10.12 -23.99 -4.77
CA ILE B 130 9.64 -22.69 -4.19
C ILE B 130 9.03 -22.98 -2.82
N SER B 131 9.39 -22.20 -1.81
CA SER B 131 8.86 -22.32 -0.43
C SER B 131 7.35 -22.16 -0.43
N PRO B 132 6.63 -23.05 0.29
CA PRO B 132 5.20 -22.88 0.55
C PRO B 132 4.81 -21.51 1.15
N PHE B 133 5.70 -20.88 1.90
CA PHE B 133 5.42 -19.59 2.58
C PHE B 133 5.95 -18.44 1.73
N PHE B 134 6.44 -18.72 0.52
CA PHE B 134 6.94 -17.66 -0.38
C PHE B 134 5.99 -16.44 -0.40
N VAL B 135 4.73 -16.65 -0.75
CA VAL B 135 3.77 -15.52 -0.93
C VAL B 135 3.48 -14.85 0.42
N PRO B 136 2.92 -15.57 1.43
CA PRO B 136 2.54 -14.89 2.69
C PRO B 136 3.77 -14.34 3.43
N GLY B 137 4.94 -14.96 3.23
CA GLY B 137 6.23 -14.57 3.85
C GLY B 137 6.92 -13.42 3.14
N SER B 138 6.35 -12.88 2.04
CA SER B 138 7.02 -11.86 1.18
C SER B 138 6.17 -10.61 0.98
N ILE B 139 4.86 -10.68 1.19
CA ILE B 139 3.93 -9.60 0.76
C ILE B 139 3.90 -8.54 1.86
N ILE B 140 3.71 -7.31 1.44
CA ILE B 140 4.00 -6.11 2.27
C ILE B 140 3.04 -6.03 3.46
N ASN B 141 1.81 -6.55 3.34
CA ASN B 141 0.79 -6.39 4.42
C ASN B 141 1.00 -7.44 5.51
N MET B 142 2.06 -8.26 5.47
CA MET B 142 2.25 -9.30 6.49
C MET B 142 2.86 -8.75 7.79
N VAL B 143 3.47 -7.58 7.81
CA VAL B 143 3.82 -6.98 9.13
C VAL B 143 2.51 -6.67 9.88
N SER B 144 1.58 -5.95 9.24
CA SER B 144 0.23 -5.68 9.79
C SER B 144 -0.48 -6.99 10.14
N GLY B 145 -0.48 -7.95 9.20
CA GLY B 145 -1.10 -9.28 9.38
C GLY B 145 -0.55 -9.96 10.61
N PHE B 146 0.76 -10.18 10.66
CA PHE B 146 1.39 -10.99 11.74
C PHE B 146 1.19 -10.26 13.08
N LEU B 147 1.33 -8.93 13.06
CA LEU B 147 1.21 -8.16 14.32
C LEU B 147 -0.21 -8.31 14.83
N SER B 148 -1.21 -8.11 13.96
N SER B 148 -1.20 -8.11 13.95
CA SER B 148 -2.65 -8.25 14.33
CA SER B 148 -2.65 -8.25 14.26
C SER B 148 -2.91 -9.64 14.92
C SER B 148 -2.92 -9.62 14.89
N ILE B 149 -2.41 -10.70 14.29
CA ILE B 149 -2.64 -12.10 14.79
C ILE B 149 -1.94 -12.28 16.13
N HIS B 150 -0.72 -11.79 16.26
CA HIS B 150 0.09 -11.98 17.48
C HIS B 150 -0.59 -11.29 18.67
N LEU B 151 -1.20 -10.11 18.47
CA LEU B 151 -1.68 -9.28 19.62
C LEU B 151 -3.20 -9.32 19.70
N GLY B 152 -3.88 -10.00 18.76
CA GLY B 152 -5.34 -10.04 18.67
C GLY B 152 -5.91 -8.66 18.34
N LEU B 153 -5.28 -7.91 17.42
CA LEU B 153 -5.75 -6.56 17.00
C LEU B 153 -6.80 -6.72 15.90
N GLN B 154 -7.98 -6.12 16.08
CA GLN B 154 -9.16 -6.35 15.19
C GLN B 154 -9.56 -5.03 14.55
N GLY B 155 -8.80 -3.95 14.82
CA GLY B 155 -9.03 -2.62 14.22
C GLY B 155 -8.62 -2.60 12.74
N PRO B 156 -8.66 -1.42 12.09
CA PRO B 156 -8.22 -1.28 10.71
C PRO B 156 -6.86 -1.98 10.52
N ASN B 157 -6.78 -2.86 9.52
N ASN B 157 -6.78 -2.83 9.50
CA ASN B 157 -5.58 -3.67 9.20
CA ASN B 157 -5.58 -3.67 9.19
C ASN B 157 -5.22 -3.45 7.73
C ASN B 157 -5.20 -3.48 7.73
N TYR B 158 -4.17 -2.67 7.46
CA TYR B 158 -3.79 -2.34 6.07
C TYR B 158 -2.30 -2.03 6.00
N ALA B 159 -1.84 -1.81 4.76
CA ALA B 159 -0.42 -1.51 4.50
C ALA B 159 -0.37 -0.57 3.30
N LEU B 160 0.43 0.49 3.45
CA LEU B 160 0.73 1.44 2.36
C LEU B 160 2.01 0.98 1.66
N THR B 161 2.15 1.38 0.40
CA THR B 161 3.41 1.20 -0.36
C THR B 161 3.49 2.43 -1.26
N THR B 162 4.21 3.46 -0.81
CA THR B 162 4.43 4.73 -1.53
C THR B 162 5.93 4.99 -1.62
N ALA B 163 6.67 3.96 -2.02
CA ALA B 163 8.12 4.04 -2.24
C ALA B 163 8.77 4.72 -1.04
N GLN B 164 9.61 5.72 -1.27
CA GLN B 164 10.37 6.44 -0.22
C GLN B 164 9.43 7.30 0.68
N THR B 165 8.12 7.34 0.42
CA THR B 165 7.15 8.17 1.20
C THR B 165 6.35 7.27 2.17
N THR B 166 6.54 5.96 2.09
CA THR B 166 5.69 4.94 2.74
C THR B 166 5.49 5.25 4.24
N GLY B 167 6.57 5.39 4.99
CA GLY B 167 6.48 5.51 6.46
C GLY B 167 5.75 6.78 6.86
N THR B 168 5.91 7.86 6.10
CA THR B 168 5.25 9.16 6.39
C THR B 168 3.74 8.99 6.14
N HIS B 169 3.36 8.44 4.99
CA HIS B 169 1.95 8.22 4.64
C HIS B 169 1.32 7.26 5.64
N SER B 170 2.06 6.23 6.08
CA SER B 170 1.48 5.19 6.96
C SER B 170 1.07 5.87 8.26
N ILE B 171 1.96 6.67 8.81
CA ILE B 171 1.76 7.36 10.11
C ILE B 171 0.63 8.38 9.97
N GLY B 172 0.63 9.15 8.89
CA GLY B 172 -0.37 10.18 8.63
C GLY B 172 -1.77 9.62 8.53
N MET B 173 -1.95 8.56 7.73
N MET B 173 -1.95 8.57 7.73
CA MET B 173 -3.27 7.94 7.46
CA MET B 173 -3.28 7.95 7.48
C MET B 173 -3.75 7.18 8.70
C MET B 173 -3.74 7.21 8.73
N ALA B 174 -2.82 6.64 9.50
CA ALA B 174 -3.15 6.00 10.80
C ALA B 174 -3.67 7.10 11.75
N ALA B 175 -3.02 8.25 11.78
CA ALA B 175 -3.45 9.41 12.60
C ALA B 175 -4.85 9.82 12.17
N ARG B 176 -5.13 9.83 10.86
CA ARG B 176 -6.50 10.15 10.34
C ARG B 176 -7.53 9.12 10.85
N ASN B 177 -7.17 7.83 10.84
CA ASN B 177 -8.06 6.75 11.34
C ASN B 177 -8.53 7.14 12.76
N ILE B 178 -7.61 7.60 13.61
CA ILE B 178 -7.93 7.88 15.03
C ILE B 178 -8.73 9.19 15.11
N ALA B 179 -8.30 10.21 14.39
CA ALA B 179 -8.89 11.57 14.39
C ALA B 179 -10.37 11.49 14.03
N TYR B 180 -10.74 10.60 13.10
CA TYR B 180 -12.12 10.53 12.58
C TYR B 180 -12.90 9.38 13.23
N GLY B 181 -12.34 8.78 14.27
CA GLY B 181 -13.06 7.85 15.17
C GLY B 181 -13.14 6.43 14.60
N GLU B 182 -12.33 6.06 13.63
CA GLU B 182 -12.32 4.68 13.05
C GLU B 182 -11.47 3.75 13.92
N ALA B 183 -10.65 4.29 14.81
CA ALA B 183 -9.78 3.56 15.74
C ALA B 183 -9.41 4.46 16.92
N ASP B 184 -9.06 3.87 18.06
CA ASP B 184 -8.52 4.62 19.22
C ASP B 184 -7.00 4.51 19.24
N VAL B 185 -6.44 3.42 18.71
CA VAL B 185 -4.98 3.17 18.69
C VAL B 185 -4.58 2.59 17.35
N MET B 186 -3.44 3.02 16.83
CA MET B 186 -2.85 2.43 15.60
C MET B 186 -1.35 2.28 15.81
N VAL B 187 -0.80 1.15 15.35
CA VAL B 187 0.67 0.96 15.22
C VAL B 187 1.00 1.28 13.77
N ALA B 188 1.90 2.21 13.50
CA ALA B 188 2.10 2.74 12.14
C ALA B 188 3.58 3.03 11.89
N GLY B 189 3.98 2.89 10.63
CA GLY B 189 5.37 3.11 10.22
C GLY B 189 5.70 2.25 9.03
N GLY B 190 6.94 1.78 8.95
CA GLY B 190 7.43 1.12 7.74
C GLY B 190 8.67 0.32 8.04
N SER B 191 9.03 -0.55 7.11
CA SER B 191 10.20 -1.44 7.22
C SER B 191 10.74 -1.72 5.81
N GLU B 192 12.02 -1.97 5.73
CA GLU B 192 12.69 -2.14 4.44
C GLU B 192 13.97 -2.95 4.63
N MET B 193 14.23 -3.87 3.69
N MET B 193 14.23 -3.85 3.67
CA MET B 193 15.52 -4.59 3.53
CA MET B 193 15.48 -4.64 3.50
C MET B 193 15.73 -4.81 2.03
C MET B 193 15.73 -4.83 2.02
N ALA B 194 16.39 -3.87 1.37
CA ALA B 194 16.66 -3.89 -0.09
C ALA B 194 18.18 -3.75 -0.35
N ALA B 195 19.02 -4.05 0.64
CA ALA B 195 20.48 -4.31 0.47
C ALA B 195 20.72 -5.73 -0.04
N CYS B 196 19.85 -6.23 -0.90
CA CYS B 196 20.03 -7.46 -1.70
C CYS B 196 20.70 -7.04 -3.00
N GLY B 197 21.07 -8.03 -3.81
CA GLY B 197 21.59 -7.77 -5.17
C GLY B 197 20.60 -6.95 -5.95
N LEU B 198 19.31 -7.17 -5.70
CA LEU B 198 18.23 -6.58 -6.53
C LEU B 198 18.07 -5.10 -6.20
N GLY B 199 18.14 -4.74 -4.92
CA GLY B 199 18.07 -3.32 -4.50
C GLY B 199 19.33 -2.59 -4.95
N LEU B 200 20.50 -3.14 -4.62
CA LEU B 200 21.78 -2.48 -4.98
C LEU B 200 21.88 -2.44 -6.50
N GLY B 201 21.60 -3.55 -7.17
CA GLY B 201 21.60 -3.66 -8.63
C GLY B 201 20.59 -2.75 -9.31
N GLY B 202 19.36 -2.73 -8.81
CA GLY B 202 18.24 -2.00 -9.43
C GLY B 202 18.45 -0.50 -9.39
N PHE B 203 18.77 0.02 -8.20
CA PHE B 203 19.05 1.46 -7.98
C PHE B 203 20.37 1.81 -8.67
N GLY B 204 21.34 0.89 -8.62
CA GLY B 204 22.65 1.00 -9.28
C GLY B 204 22.52 1.20 -10.78
N ALA B 205 21.62 0.48 -11.44
CA ALA B 205 21.35 0.54 -12.90
C ALA B 205 20.73 1.88 -13.29
N ALA B 206 19.98 2.51 -12.38
CA ALA B 206 19.42 3.86 -12.57
C ALA B 206 20.49 4.92 -12.27
N ARG B 207 21.66 4.51 -11.76
CA ARG B 207 22.78 5.38 -11.32
C ARG B 207 22.30 6.38 -10.27
N ALA B 208 21.40 5.95 -9.38
CA ALA B 208 20.76 6.77 -8.33
C ALA B 208 21.62 6.74 -7.06
N LEU B 209 22.53 5.77 -6.92
CA LEU B 209 23.36 5.53 -5.71
C LEU B 209 24.69 6.31 -5.77
N SER B 210 25.13 6.86 -4.64
CA SER B 210 26.55 7.18 -4.38
C SER B 210 27.43 5.96 -4.67
N THR B 211 28.51 6.18 -5.42
CA THR B 211 29.53 5.15 -5.74
C THR B 211 30.83 5.48 -4.98
N ARG B 212 30.76 6.25 -3.90
CA ARG B 212 31.94 6.61 -3.06
C ARG B 212 32.38 5.42 -2.19
N ASN B 213 32.81 4.32 -2.83
CA ASN B 213 33.16 3.03 -2.17
C ASN B 213 34.37 3.18 -1.27
N ASP B 214 35.25 4.14 -1.53
CA ASP B 214 36.51 4.32 -0.76
C ASP B 214 36.17 4.90 0.62
N GLU B 215 35.07 5.67 0.73
CA GLU B 215 34.77 6.38 2.00
C GLU B 215 33.26 6.32 2.28
N PRO B 216 32.75 5.10 2.59
CA PRO B 216 31.31 4.91 2.76
C PRO B 216 30.64 5.89 3.73
N THR B 217 31.35 6.30 4.79
CA THR B 217 30.75 7.16 5.86
C THR B 217 30.58 8.60 5.37
N ARG B 218 31.28 8.99 4.30
CA ARG B 218 31.21 10.34 3.69
C ARG B 218 30.27 10.28 2.49
N ALA B 219 29.76 9.10 2.13
CA ALA B 219 28.95 8.94 0.90
C ALA B 219 27.72 9.84 0.98
N SER B 220 27.00 9.81 2.12
CA SER B 220 25.69 10.49 2.30
C SER B 220 25.98 11.92 2.77
N ARG B 221 25.80 12.91 1.90
CA ARG B 221 26.26 14.29 2.20
C ARG B 221 25.24 15.27 1.66
N PRO B 222 24.01 15.30 2.24
CA PRO B 222 22.92 16.13 1.71
C PRO B 222 23.32 17.60 1.65
N TRP B 223 23.02 18.22 0.50
CA TRP B 223 23.27 19.65 0.16
C TRP B 223 24.76 19.97 0.00
N ASP B 224 25.66 18.98 0.05
CA ASP B 224 27.12 19.16 -0.16
C ASP B 224 27.38 19.11 -1.66
N ARG B 225 28.24 19.98 -2.16
CA ARG B 225 28.44 20.16 -3.63
C ARG B 225 28.96 18.85 -4.26
N ASP B 226 29.57 17.95 -3.48
CA ASP B 226 30.24 16.70 -3.96
C ASP B 226 29.35 15.45 -3.78
N ARG B 227 28.09 15.61 -3.40
CA ARG B 227 27.11 14.50 -3.29
C ARG B 227 26.94 13.88 -4.68
N ASP B 228 26.70 12.57 -4.73
CA ASP B 228 26.59 11.82 -6.00
C ASP B 228 25.55 10.70 -5.85
N GLY B 229 24.50 10.94 -5.05
CA GLY B 229 23.32 10.05 -4.98
C GLY B 229 23.12 9.52 -3.58
N PHE B 230 22.06 8.76 -3.36
CA PHE B 230 21.67 8.32 -1.98
C PHE B 230 22.42 7.03 -1.64
N VAL B 231 22.35 6.69 -0.36
CA VAL B 231 22.93 5.46 0.23
C VAL B 231 21.76 4.59 0.67
N LEU B 232 21.81 3.32 0.29
CA LEU B 232 20.70 2.37 0.56
C LEU B 232 20.90 1.77 1.96
N SER B 233 19.84 1.76 2.76
CA SER B 233 19.87 1.39 4.18
C SER B 233 18.62 0.57 4.52
N ASP B 234 18.75 -0.22 5.60
CA ASP B 234 17.74 -1.20 6.06
C ASP B 234 17.23 -0.79 7.43
N GLY B 235 16.06 -1.29 7.79
CA GLY B 235 15.56 -1.16 9.18
C GLY B 235 14.08 -0.86 9.20
N SER B 236 13.61 -0.25 10.28
CA SER B 236 12.17 -0.14 10.58
C SER B 236 11.91 0.93 11.63
N GLY B 237 10.76 1.59 11.50
CA GLY B 237 10.22 2.50 12.54
C GLY B 237 8.77 2.17 12.78
N ALA B 238 8.35 2.19 14.04
CA ALA B 238 6.94 2.00 14.42
C ALA B 238 6.63 3.00 15.52
N LEU B 239 5.46 3.62 15.39
CA LEU B 239 4.90 4.51 16.45
C LEU B 239 3.61 3.90 16.90
N VAL B 240 3.33 4.04 18.19
CA VAL B 240 1.96 3.85 18.71
C VAL B 240 1.30 5.24 18.71
N LEU B 241 0.31 5.38 17.85
CA LEU B 241 -0.56 6.57 17.79
C LEU B 241 -1.79 6.28 18.62
N GLU B 242 -2.29 7.28 19.34
CA GLU B 242 -3.36 7.06 20.32
C GLU B 242 -4.19 8.34 20.48
N GLU B 243 -5.49 8.19 20.50
CA GLU B 243 -6.42 9.30 20.81
C GLU B 243 -6.06 9.86 22.19
N LEU B 244 -6.10 11.19 22.31
CA LEU B 244 -5.56 11.88 23.50
C LEU B 244 -6.32 11.44 24.75
N GLU B 245 -7.64 11.49 24.76
CA GLU B 245 -8.41 11.15 25.98
C GLU B 245 -8.12 9.69 26.37
N HIS B 246 -7.98 8.79 25.40
CA HIS B 246 -7.61 7.37 25.64
C HIS B 246 -6.24 7.28 26.32
N ALA B 247 -5.25 8.06 25.87
CA ALA B 247 -3.88 8.05 26.42
C ALA B 247 -3.92 8.59 27.85
N ARG B 248 -4.68 9.67 28.09
CA ARG B 248 -4.77 10.33 29.42
C ARG B 248 -5.47 9.42 30.43
N ALA B 249 -6.58 8.77 30.03
CA ALA B 249 -7.38 7.87 30.88
C ALA B 249 -6.51 6.74 31.47
N ARG B 250 -5.57 6.17 30.72
CA ARG B 250 -4.75 5.04 31.24
C ARG B 250 -3.40 5.55 31.78
N GLY B 251 -3.14 6.86 31.74
CA GLY B 251 -1.91 7.46 32.28
C GLY B 251 -0.69 7.16 31.43
N ALA B 252 -0.87 7.07 30.11
CA ALA B 252 0.24 6.85 29.15
C ALA B 252 1.26 7.99 29.23
N ARG B 253 2.52 7.68 28.95
CA ARG B 253 3.58 8.69 28.72
C ARG B 253 3.37 9.15 27.28
N ILE B 254 3.15 10.45 27.08
CA ILE B 254 2.94 11.07 25.75
C ILE B 254 4.25 11.71 25.33
N TYR B 255 4.84 11.28 24.23
CA TYR B 255 6.09 11.89 23.70
C TYR B 255 5.78 13.27 23.06
N ALA B 256 4.71 13.37 22.27
CA ALA B 256 4.41 14.54 21.43
C ALA B 256 3.03 14.35 20.82
N GLU B 257 2.50 15.42 20.21
CA GLU B 257 1.20 15.39 19.52
C GLU B 257 1.47 15.40 18.01
N LEU B 258 0.74 14.58 17.25
CA LEU B 258 0.70 14.67 15.78
C LEU B 258 -0.46 15.62 15.40
N VAL B 259 -0.12 16.83 14.96
CA VAL B 259 -1.10 17.95 14.76
C VAL B 259 -1.45 18.12 13.28
N GLY B 260 -0.58 17.66 12.36
CA GLY B 260 -0.67 17.96 10.92
C GLY B 260 -0.21 16.79 10.04
N PHE B 261 -0.95 16.54 8.96
CA PHE B 261 -0.58 15.59 7.90
C PHE B 261 -0.93 16.20 6.54
N GLY B 262 0.08 16.29 5.68
CA GLY B 262 -0.09 16.74 4.29
C GLY B 262 0.38 15.68 3.32
N MET B 263 -0.30 15.66 2.18
CA MET B 263 -0.02 14.82 1.01
C MET B 263 -0.09 15.73 -0.22
N SER B 264 0.67 15.40 -1.23
CA SER B 264 0.53 16.00 -2.57
C SER B 264 1.20 15.07 -3.57
N GLY B 265 0.89 15.30 -4.83
CA GLY B 265 1.61 14.71 -5.98
C GLY B 265 2.19 15.84 -6.79
N ASP B 266 3.47 15.71 -7.16
CA ASP B 266 4.20 16.58 -8.12
C ASP B 266 3.54 16.50 -9.50
N ALA B 267 3.09 15.32 -9.92
CA ALA B 267 2.60 15.09 -11.30
C ALA B 267 3.67 15.60 -12.28
N PHE B 268 4.94 15.34 -11.99
CA PHE B 268 6.07 15.89 -12.75
C PHE B 268 6.86 14.77 -13.45
N HIS B 269 7.60 13.93 -12.72
CA HIS B 269 8.52 12.89 -13.30
C HIS B 269 8.52 11.65 -12.41
N MET B 270 8.92 10.51 -12.97
CA MET B 270 8.79 9.17 -12.34
C MET B 270 9.76 9.06 -11.16
N THR B 271 10.95 9.65 -11.27
CA THR B 271 12.01 9.51 -10.24
C THR B 271 12.58 10.86 -9.77
N ALA B 272 12.44 11.96 -10.54
CA ALA B 272 13.07 13.28 -10.21
C ALA B 272 12.01 14.28 -9.79
N PRO B 273 12.26 15.12 -8.75
CA PRO B 273 11.32 16.18 -8.39
C PRO B 273 11.41 17.35 -9.36
N PRO B 274 10.45 18.29 -9.38
CA PRO B 274 10.67 19.56 -10.07
C PRO B 274 11.73 20.40 -9.33
N GLU B 275 12.51 21.19 -10.07
CA GLU B 275 13.69 21.94 -9.57
C GLU B 275 13.28 22.87 -8.41
N ASP B 276 12.10 23.49 -8.52
CA ASP B 276 11.57 24.46 -7.52
C ASP B 276 10.86 23.73 -6.36
N GLY B 277 10.67 22.40 -6.45
CA GLY B 277 10.01 21.62 -5.39
C GLY B 277 8.59 22.07 -5.14
N ALA B 278 7.86 22.44 -6.21
CA ALA B 278 6.49 22.98 -6.09
C ALA B 278 5.58 21.98 -5.35
N GLY B 279 5.79 20.67 -5.55
CA GLY B 279 4.95 19.63 -4.92
C GLY B 279 5.23 19.52 -3.44
N ALA B 280 6.50 19.52 -3.07
CA ALA B 280 6.95 19.52 -1.66
C ALA B 280 6.42 20.76 -0.95
N ALA B 281 6.36 21.93 -1.63
CA ALA B 281 5.84 23.19 -1.03
C ALA B 281 4.33 23.05 -0.78
N ARG B 282 3.56 22.54 -1.74
CA ARG B 282 2.10 22.31 -1.61
C ARG B 282 1.82 21.36 -0.45
N CYS B 283 2.57 20.27 -0.39
CA CYS B 283 2.46 19.26 0.69
C CYS B 283 2.72 19.90 2.07
N MET B 284 3.84 20.59 2.25
CA MET B 284 4.16 21.25 3.55
C MET B 284 3.05 22.26 3.90
N LYS B 285 2.62 23.09 2.95
CA LYS B 285 1.50 24.06 3.15
C LYS B 285 0.23 23.28 3.53
N ASN B 286 -0.02 22.12 2.90
CA ASN B 286 -1.24 21.32 3.21
C ASN B 286 -1.12 20.83 4.66
N ALA B 287 0.07 20.45 5.10
CA ALA B 287 0.30 19.89 6.47
C ALA B 287 0.11 21.01 7.52
N LEU B 288 0.60 22.20 7.21
CA LEU B 288 0.45 23.35 8.16
C LEU B 288 -1.01 23.76 8.25
N ARG B 289 -1.72 23.87 7.11
CA ARG B 289 -3.17 24.21 7.10
C ARG B 289 -3.92 23.17 7.94
N ASP B 290 -3.60 21.88 7.75
CA ASP B 290 -4.20 20.76 8.51
C ASP B 290 -3.97 20.96 10.01
N ALA B 291 -2.81 21.49 10.42
CA ALA B 291 -2.46 21.68 11.85
C ALA B 291 -2.99 23.03 12.37
N GLY B 292 -3.61 23.85 11.51
CA GLY B 292 -3.96 25.25 11.83
C GLY B 292 -2.76 26.07 12.23
N LEU B 293 -1.58 25.84 11.66
CA LEU B 293 -0.38 26.61 12.04
C LEU B 293 0.07 27.50 10.89
N ASP B 294 0.66 28.64 11.25
N ASP B 294 0.64 28.66 11.24
CA ASP B 294 1.36 29.58 10.33
CA ASP B 294 1.34 29.57 10.29
C ASP B 294 2.76 29.04 10.09
C ASP B 294 2.75 29.03 10.08
N PRO B 295 3.32 29.13 8.86
CA PRO B 295 4.70 28.67 8.63
C PRO B 295 5.71 29.19 9.67
N ARG B 296 5.48 30.39 10.21
CA ARG B 296 6.36 31.05 11.21
C ARG B 296 6.51 30.22 12.50
N GLN B 297 5.53 29.39 12.83
CA GLN B 297 5.53 28.61 14.09
C GLN B 297 6.44 27.37 13.98
N VAL B 298 6.96 27.06 12.80
CA VAL B 298 7.79 25.84 12.61
C VAL B 298 9.22 26.10 13.05
N ASP B 299 9.78 25.17 13.83
CA ASP B 299 11.12 25.37 14.45
C ASP B 299 12.14 24.43 13.82
N TYR B 300 11.71 23.23 13.44
CA TYR B 300 12.65 22.14 13.06
C TYR B 300 12.02 21.33 11.93
N ILE B 301 12.79 21.08 10.88
CA ILE B 301 12.36 20.22 9.75
C ILE B 301 13.34 19.06 9.64
N ASN B 302 12.83 17.84 9.71
CA ASN B 302 13.63 16.66 9.32
C ASN B 302 13.37 16.49 7.83
N ALA B 303 14.33 16.93 7.03
CA ALA B 303 14.29 16.95 5.56
C ALA B 303 14.18 15.53 5.04
N HIS B 304 13.68 15.36 3.83
CA HIS B 304 13.91 14.12 3.07
C HIS B 304 15.42 13.99 2.84
N GLY B 305 16.05 15.03 2.27
CA GLY B 305 17.52 15.17 2.19
C GLY B 305 18.26 13.87 1.86
N THR B 306 18.02 13.30 0.68
CA THR B 306 18.52 11.96 0.27
C THR B 306 19.98 11.99 -0.19
N SER B 307 20.55 13.17 -0.49
CA SER B 307 21.92 13.33 -1.07
C SER B 307 21.89 13.07 -2.60
N THR B 308 20.75 13.23 -3.25
CA THR B 308 20.67 13.32 -4.74
C THR B 308 20.87 14.78 -5.14
N PRO B 309 21.57 15.05 -6.26
CA PRO B 309 21.75 16.43 -6.71
C PRO B 309 20.42 17.20 -6.81
N ALA B 310 19.42 16.68 -7.52
CA ALA B 310 18.14 17.40 -7.78
C ALA B 310 17.23 17.39 -6.53
N GLY B 311 17.19 16.31 -5.75
CA GLY B 311 16.31 16.18 -4.56
C GLY B 311 16.62 17.24 -3.51
N ASP B 312 17.89 17.38 -3.16
CA ASP B 312 18.35 18.28 -2.06
C ASP B 312 18.00 19.72 -2.43
N ILE B 313 18.31 20.14 -3.67
CA ILE B 313 18.08 21.53 -4.15
C ILE B 313 16.56 21.82 -4.21
N ALA B 314 15.73 20.91 -4.69
CA ALA B 314 14.25 21.06 -4.70
C ALA B 314 13.71 21.37 -3.29
N GLU B 315 14.24 20.71 -2.26
N GLU B 315 14.26 20.71 -2.28
CA GLU B 315 13.77 20.87 -0.86
CA GLU B 315 13.83 20.83 -0.86
C GLU B 315 14.15 22.25 -0.32
C GLU B 315 14.15 22.24 -0.35
N ILE B 316 15.33 22.77 -0.67
CA ILE B 316 15.71 24.17 -0.30
C ILE B 316 14.67 25.11 -0.92
N ALA B 317 14.46 25.02 -2.23
CA ALA B 317 13.50 25.86 -2.95
C ALA B 317 12.12 25.80 -2.27
N ALA B 318 11.65 24.59 -1.97
CA ALA B 318 10.33 24.35 -1.34
C ALA B 318 10.25 25.08 0.01
N VAL B 319 11.24 24.88 0.86
CA VAL B 319 11.30 25.52 2.22
C VAL B 319 11.30 27.06 2.06
N LYS B 320 12.15 27.62 1.18
CA LYS B 320 12.21 29.11 0.97
C LYS B 320 10.85 29.61 0.53
N SER B 321 10.18 28.87 -0.35
CA SER B 321 8.85 29.20 -0.89
C SER B 321 7.80 29.20 0.22
N VAL B 322 7.76 28.15 1.03
CA VAL B 322 6.73 27.99 2.09
C VAL B 322 6.99 29.03 3.20
N PHE B 323 8.25 29.20 3.63
CA PHE B 323 8.56 29.82 4.93
C PHE B 323 9.00 31.28 4.76
N GLY B 324 9.35 31.71 3.54
CA GLY B 324 9.69 33.14 3.24
C GLY B 324 10.74 33.65 4.21
N GLU B 325 10.42 34.69 4.99
CA GLU B 325 11.40 35.38 5.88
C GLU B 325 11.65 34.57 7.16
N HIS B 326 10.97 33.43 7.36
CA HIS B 326 11.23 32.53 8.51
C HIS B 326 12.15 31.36 8.09
N ALA B 327 12.44 31.23 6.81
CA ALA B 327 13.15 30.07 6.21
C ALA B 327 14.53 29.85 6.85
N HIS B 328 15.21 30.91 7.31
CA HIS B 328 16.59 30.85 7.87
C HIS B 328 16.53 30.63 9.38
N ALA B 329 15.40 30.95 10.01
CA ALA B 329 15.23 30.93 11.49
C ALA B 329 14.97 29.50 11.94
N LEU B 330 14.16 28.74 11.19
CA LEU B 330 14.00 27.29 11.46
C LEU B 330 15.34 26.59 11.17
N SER B 331 15.52 25.44 11.78
CA SER B 331 16.66 24.54 11.52
C SER B 331 16.16 23.38 10.67
N MET B 332 16.88 23.01 9.63
CA MET B 332 16.51 21.82 8.82
C MET B 332 17.72 20.91 8.70
N SER B 333 17.57 19.63 9.03
CA SER B 333 18.66 18.64 8.89
C SER B 333 18.14 17.36 8.23
N SER B 334 19.07 16.66 7.60
CA SER B 334 18.89 15.30 7.04
C SER B 334 19.69 14.32 7.90
N THR B 335 18.97 13.53 8.69
CA THR B 335 19.55 12.40 9.43
C THR B 335 19.96 11.31 8.42
N LYS B 336 19.60 11.42 7.14
CA LYS B 336 20.08 10.44 6.12
C LYS B 336 21.60 10.61 5.92
N SER B 337 22.17 11.75 6.33
CA SER B 337 23.64 11.98 6.38
C SER B 337 24.30 10.87 7.20
N MET B 338 23.58 10.37 8.21
CA MET B 338 24.08 9.34 9.18
C MET B 338 23.49 7.95 8.89
N THR B 339 22.19 7.86 8.60
CA THR B 339 21.46 6.57 8.53
C THR B 339 21.48 5.99 7.11
N GLY B 340 21.76 6.82 6.12
CA GLY B 340 21.38 6.52 4.74
C GLY B 340 19.87 6.51 4.60
N HIS B 341 19.41 6.02 3.47
CA HIS B 341 18.02 6.16 2.99
C HIS B 341 17.35 4.80 3.20
N LEU B 342 16.50 4.68 4.23
CA LEU B 342 15.79 3.39 4.53
C LEU B 342 14.54 3.21 3.66
N LEU B 343 14.43 3.99 2.57
CA LEU B 343 13.31 3.96 1.59
C LEU B 343 11.94 4.03 2.31
N GLY B 344 11.11 2.96 2.24
CA GLY B 344 9.78 3.00 2.89
C GLY B 344 9.84 3.21 4.39
N ALA B 345 10.92 2.83 5.08
CA ALA B 345 11.08 3.01 6.53
C ALA B 345 11.70 4.37 6.84
N ALA B 346 12.19 5.11 5.84
CA ALA B 346 12.81 6.43 6.07
C ALA B 346 11.86 7.34 6.87
N GLY B 347 10.62 7.51 6.43
CA GLY B 347 9.67 8.43 7.07
C GLY B 347 9.31 8.00 8.48
N ALA B 348 9.41 6.70 8.80
CA ALA B 348 9.08 6.15 10.14
C ALA B 348 10.19 6.52 11.13
N VAL B 349 11.43 6.15 10.83
CA VAL B 349 12.57 6.45 11.74
C VAL B 349 12.72 7.97 11.84
N GLU B 350 12.40 8.72 10.78
CA GLU B 350 12.58 10.20 10.78
C GLU B 350 11.48 10.88 11.59
N ALA B 351 10.23 10.38 11.55
CA ALA B 351 9.15 10.77 12.49
C ALA B 351 9.64 10.59 13.93
N ILE B 352 10.27 9.46 14.24
CA ILE B 352 10.75 9.17 15.63
C ILE B 352 11.82 10.21 15.98
N PHE B 353 12.74 10.52 15.06
CA PHE B 353 13.83 11.49 15.31
C PHE B 353 13.23 12.89 15.51
N SER B 354 12.12 13.19 14.83
CA SER B 354 11.43 14.50 14.91
C SER B 354 10.75 14.63 16.27
N VAL B 355 10.12 13.56 16.73
CA VAL B 355 9.51 13.49 18.09
C VAL B 355 10.62 13.65 19.12
N LEU B 356 11.76 12.98 18.94
CA LEU B 356 12.87 13.07 19.94
C LEU B 356 13.51 14.46 19.93
N ALA B 357 13.61 15.12 18.78
CA ALA B 357 14.08 16.52 18.66
C ALA B 357 13.22 17.41 19.57
N LEU B 358 11.92 17.14 19.61
CA LEU B 358 10.95 17.85 20.48
C LEU B 358 11.20 17.49 21.95
N ARG B 359 11.37 16.22 22.27
CA ARG B 359 11.56 15.83 23.69
C ARG B 359 12.87 16.45 24.19
N ASP B 360 13.94 16.47 23.40
CA ASP B 360 15.30 16.78 23.89
C ASP B 360 15.73 18.21 23.51
N GLN B 361 14.89 18.92 22.75
CA GLN B 361 15.14 20.33 22.33
C GLN B 361 16.51 20.39 21.64
N VAL B 362 16.70 19.58 20.61
CA VAL B 362 17.99 19.53 19.86
C VAL B 362 17.68 19.18 18.40
N ALA B 363 18.27 19.92 17.46
CA ALA B 363 18.25 19.61 16.02
C ALA B 363 19.42 18.67 15.73
N PRO B 364 19.14 17.44 15.25
CA PRO B 364 20.17 16.51 14.80
C PRO B 364 21.00 17.11 13.69
N PRO B 365 22.28 16.69 13.54
CA PRO B 365 23.18 17.27 12.55
C PRO B 365 22.88 16.79 11.14
N THR B 366 23.28 17.56 10.15
CA THR B 366 23.54 17.05 8.79
C THR B 366 25.05 16.84 8.74
N ILE B 367 25.55 15.62 8.96
CA ILE B 367 27.03 15.38 8.86
C ILE B 367 27.44 15.44 7.37
N ASN B 368 28.76 15.59 7.13
CA ASN B 368 29.41 15.56 5.79
C ASN B 368 29.11 16.85 4.99
N LEU B 369 28.49 17.88 5.60
CA LEU B 369 28.08 19.13 4.91
C LEU B 369 29.27 20.09 4.94
N ASP B 370 30.33 19.70 4.22
CA ASP B 370 31.66 20.35 4.21
C ASP B 370 31.60 21.60 3.35
N ASN B 371 30.87 21.56 2.22
CA ASN B 371 30.78 22.67 1.25
C ASN B 371 29.35 22.82 0.74
N PRO B 372 28.49 23.53 1.49
CA PRO B 372 27.12 23.75 1.04
C PRO B 372 27.17 24.12 -0.44
N ASP B 373 26.19 23.65 -1.19
CA ASP B 373 26.09 23.88 -2.65
C ASP B 373 25.45 25.26 -2.87
N GLU B 374 25.41 25.68 -4.13
CA GLU B 374 24.73 26.90 -4.64
C GLU B 374 23.33 27.01 -4.04
N GLY B 375 23.09 28.03 -3.23
CA GLY B 375 21.74 28.37 -2.76
C GLY B 375 21.35 27.56 -1.55
N CYS B 376 22.26 26.73 -1.04
CA CYS B 376 22.03 25.86 0.14
C CYS B 376 22.49 26.62 1.38
N ASP B 377 21.89 27.77 1.66
CA ASP B 377 22.39 28.75 2.66
C ASP B 377 21.44 28.83 3.87
N LEU B 378 20.54 27.86 4.04
CA LEU B 378 19.68 27.77 5.26
C LEU B 378 20.52 27.26 6.44
N ASP B 379 19.94 27.19 7.62
CA ASP B 379 20.56 26.57 8.81
C ASP B 379 20.34 25.05 8.65
N LEU B 380 21.31 24.35 8.07
CA LEU B 380 21.19 22.91 7.73
C LEU B 380 21.86 22.08 8.82
N VAL B 381 22.19 22.74 9.94
CA VAL B 381 22.77 22.13 11.17
C VAL B 381 24.00 21.32 10.78
N ALA B 382 24.92 21.92 10.03
CA ALA B 382 26.12 21.20 9.52
C ALA B 382 26.95 20.65 10.69
N HIS B 383 27.35 19.38 10.57
CA HIS B 383 28.41 18.68 11.33
C HIS B 383 27.94 18.26 12.72
N GLU B 384 27.25 19.11 13.49
CA GLU B 384 27.03 18.86 14.93
C GLU B 384 25.61 19.23 15.34
N ALA B 385 25.08 18.48 16.31
CA ALA B 385 23.74 18.69 16.89
C ALA B 385 23.69 20.10 17.46
N LYS B 386 22.54 20.75 17.35
CA LYS B 386 22.34 22.14 17.80
C LYS B 386 21.15 22.15 18.76
N PRO B 387 21.41 22.26 20.08
CA PRO B 387 20.36 22.53 21.05
C PRO B 387 19.62 23.82 20.71
N ARG B 388 18.29 23.80 20.74
CA ARG B 388 17.50 25.03 20.45
C ARG B 388 16.08 24.79 20.93
N LYS B 389 15.28 25.85 20.93
CA LYS B 389 13.83 25.78 21.17
C LYS B 389 13.18 25.11 19.97
N ILE B 390 12.42 24.05 20.22
CA ILE B 390 11.61 23.38 19.18
C ILE B 390 10.23 23.15 19.78
N ASP B 391 9.25 23.90 19.31
CA ASP B 391 7.84 23.67 19.69
C ASP B 391 7.17 22.80 18.63
N VAL B 392 7.50 23.04 17.35
CA VAL B 392 6.84 22.44 16.15
C VAL B 392 7.94 21.88 15.24
N ALA B 393 7.85 20.59 14.90
CA ALA B 393 8.78 19.86 14.02
C ALA B 393 8.01 19.28 12.83
N LEU B 394 8.57 19.38 11.62
CA LEU B 394 8.03 18.76 10.38
C LEU B 394 8.94 17.59 9.99
N SER B 395 8.36 16.55 9.41
CA SER B 395 9.11 15.46 8.75
C SER B 395 8.60 15.33 7.33
N ASN B 396 9.48 15.49 6.35
CA ASN B 396 9.14 15.42 4.91
C ASN B 396 9.62 14.10 4.29
N SER B 397 8.82 13.54 3.40
CA SER B 397 9.20 12.43 2.50
C SER B 397 8.69 12.75 1.09
N PHE B 398 9.59 12.70 0.12
CA PHE B 398 9.32 13.02 -1.31
C PHE B 398 9.85 11.84 -2.14
N GLY B 399 8.96 10.99 -2.67
CA GLY B 399 9.33 9.69 -3.29
C GLY B 399 9.04 9.59 -4.80
N PHE B 400 9.50 8.48 -5.40
CA PHE B 400 9.26 8.09 -6.80
C PHE B 400 7.77 8.24 -7.10
N GLY B 401 7.45 8.63 -8.32
CA GLY B 401 6.08 8.93 -8.77
C GLY B 401 5.65 10.31 -8.32
N GLY B 402 6.56 11.07 -7.72
CA GLY B 402 6.31 12.43 -7.21
C GLY B 402 5.32 12.43 -6.06
N THR B 403 5.28 11.38 -5.24
CA THR B 403 4.36 11.28 -4.08
C THR B 403 5.04 11.91 -2.85
N ASN B 404 4.36 12.85 -2.21
CA ASN B 404 4.91 13.67 -1.11
C ASN B 404 4.09 13.46 0.17
N GLY B 405 4.77 13.43 1.30
CA GLY B 405 4.16 13.37 2.61
C GLY B 405 4.85 14.32 3.57
N THR B 406 4.07 15.01 4.40
CA THR B 406 4.57 15.83 5.51
C THR B 406 3.76 15.53 6.77
N LEU B 407 4.47 15.30 7.87
CA LEU B 407 3.91 15.15 9.24
C LEU B 407 4.34 16.38 10.07
N VAL B 408 3.42 16.93 10.86
CA VAL B 408 3.66 18.06 11.80
C VAL B 408 3.44 17.54 13.23
N PHE B 409 4.49 17.55 14.04
CA PHE B 409 4.48 17.19 15.48
C PHE B 409 4.65 18.49 16.26
N ARG B 410 4.03 18.54 17.44
CA ARG B 410 4.12 19.66 18.38
C ARG B 410 4.39 19.09 19.77
N ARG B 411 5.16 19.83 20.57
CA ARG B 411 5.35 19.55 22.02
C ARG B 411 3.98 19.44 22.68
N PHE B 412 3.82 18.46 23.56
CA PHE B 412 2.56 18.23 24.32
C PHE B 412 2.80 18.56 25.80
N ALA B 413 1.92 19.35 26.44
CA ALA B 413 1.98 19.63 27.90
C ALA B 413 0.57 19.90 28.44
S DMS C . -17.80 7.33 2.34
O DMS C . -16.81 7.68 3.40
C1 DMS C . -18.65 5.87 2.89
C2 DMS C . -19.14 8.47 2.56
S DMS D . -32.72 -10.35 10.41
O DMS D . -33.60 -10.82 9.23
C1 DMS D . -31.69 -9.00 9.82
C2 DMS D . -33.82 -9.42 11.49
S DMS E . 15.42 -7.53 -18.12
O DMS E . 16.73 -7.25 -17.42
C1 DMS E . 15.74 -8.78 -19.36
C2 DMS E . 15.14 -6.16 -19.21
N1 K0V F . 4.01 -8.23 23.64
C4 K0V F . 2.47 -10.36 25.14
C5 K0V F . 3.65 -12.01 23.69
C6 K0V F . 2.33 -12.57 23.21
C7 K0V F . 4.06 -9.54 23.19
C8 K0V F . 4.52 -7.07 22.84
C10 K0V F . 6.03 -7.13 22.73
N K0V F . 3.52 -10.60 24.12
C K0V F . 0.78 -15.46 23.68
O K0V F . -0.19 -14.44 23.59
C1 K0V F . 0.00 -13.08 23.89
C11 K0V F . 4.16 -5.78 23.64
C2 K0V F . 1.31 -12.46 24.35
C3 K0V F . 1.12 -10.96 24.73
C9 K0V F . 3.90 -6.98 21.43
O1 K0V F . -1.03 -12.44 23.74
O2 K0V F . 4.54 -9.83 22.13
S DMS G . 8.28 -10.48 21.49
O DMS G . 7.79 -9.12 21.88
C1 DMS G . 9.16 -11.09 22.89
C2 DMS G . 6.89 -11.58 21.56
S DMS H . -8.24 -10.10 27.43
O DMS H . -9.38 -9.13 27.80
C1 DMS H . -6.97 -9.89 28.65
C2 DMS H . -8.82 -11.71 27.92
S DMS I . -4.64 14.06 12.70
O DMS I . -5.67 13.96 11.59
C1 DMS I . -3.15 14.65 11.96
C2 DMS I . -5.05 15.52 13.62
S DMS J . 9.89 -18.00 2.73
O DMS J . 10.49 -18.13 1.35
C1 DMS J . 10.19 -19.57 3.51
C2 DMS J . 11.01 -17.02 3.70
S DMS K . 11.95 -1.53 24.13
O DMS K . 10.63 -1.76 23.45
C1 DMS K . 13.14 -1.19 22.87
C2 DMS K . 12.57 -3.11 24.62
S DMS L . 14.45 -16.20 5.77
O DMS L . 13.43 -15.21 5.30
C1 DMS L . 15.67 -15.28 6.67
C2 DMS L . 15.44 -16.59 4.34
S DMS M . -0.25 -6.15 25.20
O DMS M . -1.66 -6.60 25.56
C1 DMS M . 0.59 -7.60 24.66
C2 DMS M . 0.62 -5.96 26.74
P PO4 N . -10.30 0.91 26.63
O1 PO4 N . -10.86 -0.44 27.05
O2 PO4 N . -10.40 1.92 27.80
O3 PO4 N . -8.82 0.78 26.21
O4 PO4 N . -11.15 1.46 25.45
#